data_6TP9
#
_entry.id   6TP9
#
_cell.length_a   78.017
_cell.length_b   81.366
_cell.length_c   198.314
_cell.angle_alpha   90.000
_cell.angle_beta   90.000
_cell.angle_gamma   90.000
#
_symmetry.space_group_name_H-M   'P 21 21 21'
#
loop_
_entity.id
_entity.type
_entity.pdbx_description
1 polymer 'Cytochrome c55X'
2 non-polymer 'HEME C'
3 water water
#
_entity_poly.entity_id   1
_entity_poly.type   'polypeptide(L)'
_entity_poly.pdbx_seq_one_letter_code
;GGGRDEHPDARRQAQLRHLLLQDCGSCHGLRLTGGLGPALTPEALRGKPRESLVATVLMGRPQTPMPPWAGLLSADDAGW
LVDRLIEGEIAP
;
_entity_poly.pdbx_strand_id   A,B,C,D,E,F,G,H,J,K,I
#
# COMPACT_ATOMS: atom_id res chain seq x y z
N PRO A 8 17.87 25.22 21.73
CA PRO A 8 16.42 25.04 21.53
C PRO A 8 15.96 25.59 20.19
N ASP A 9 15.09 24.86 19.50
CA ASP A 9 14.63 25.27 18.18
C ASP A 9 13.44 26.23 18.30
N ALA A 10 12.94 26.65 17.15
CA ALA A 10 11.86 27.64 17.10
C ALA A 10 10.71 27.28 18.03
N ARG A 11 10.06 26.15 17.78
CA ARG A 11 8.88 25.79 18.55
C ARG A 11 9.21 25.69 20.04
N ARG A 12 10.40 25.23 20.37
CA ARG A 12 10.77 25.06 21.77
C ARG A 12 10.97 26.40 22.46
N GLN A 13 11.65 27.35 21.79
CA GLN A 13 11.83 28.67 22.38
C GLN A 13 10.50 29.28 22.78
N ALA A 14 9.45 29.02 22.00
CA ALA A 14 8.13 29.54 22.33
C ALA A 14 7.59 28.90 23.60
N GLN A 15 7.74 27.58 23.73
CA GLN A 15 7.31 26.91 24.96
C GLN A 15 8.02 27.49 26.17
N LEU A 16 9.31 27.75 26.04
CA LEU A 16 10.08 28.29 27.15
C LEU A 16 9.63 29.70 27.48
N ARG A 17 9.35 30.52 26.45
CA ARG A 17 8.82 31.85 26.71
C ARG A 17 7.48 31.79 27.41
N HIS A 18 6.60 30.88 26.98
CA HIS A 18 5.32 30.74 27.66
C HIS A 18 5.51 30.28 29.10
N LEU A 19 6.32 29.24 29.31
CA LEU A 19 6.61 28.76 30.65
C LEU A 19 7.12 29.89 31.53
N LEU A 20 8.07 30.67 31.01
CA LEU A 20 8.63 31.77 31.81
C LEU A 20 7.55 32.75 32.24
N LEU A 21 6.67 33.11 31.31
CA LEU A 21 5.74 34.20 31.58
C LEU A 21 4.58 33.76 32.46
N GLN A 22 4.08 32.54 32.29
CA GLN A 22 2.87 32.13 32.98
C GLN A 22 3.11 31.19 34.16
N ASP A 23 4.20 30.43 34.17
CA ASP A 23 4.52 29.57 35.31
C ASP A 23 5.57 30.22 36.21
N CYS A 24 6.74 30.54 35.67
CA CYS A 24 7.78 31.16 36.47
C CYS A 24 7.35 32.53 36.96
N GLY A 25 6.58 33.26 36.15
CA GLY A 25 6.21 34.63 36.49
C GLY A 25 5.32 34.76 37.70
N SER A 26 4.62 33.69 38.09
CA SER A 26 3.77 33.75 39.27
C SER A 26 4.60 34.06 40.50
N CYS A 27 5.53 33.17 40.84
CA CYS A 27 6.36 33.38 42.02
C CYS A 27 7.30 34.56 41.84
N HIS A 28 7.88 34.71 40.65
CA HIS A 28 8.87 35.74 40.39
C HIS A 28 8.26 37.07 39.95
N GLY A 29 6.94 37.22 40.07
CA GLY A 29 6.31 38.52 39.97
C GLY A 29 6.35 39.17 38.61
N LEU A 30 5.75 38.54 37.61
CA LEU A 30 5.60 39.17 36.31
C LEU A 30 4.70 40.39 36.43
N ARG A 31 5.11 41.49 35.79
CA ARG A 31 4.38 42.74 35.83
C ARG A 31 4.48 43.40 34.46
N LEU A 32 3.51 44.25 34.15
CA LEU A 32 3.55 45.05 32.93
C LEU A 32 4.16 46.40 33.28
N THR A 33 5.47 46.50 33.11
CA THR A 33 6.21 47.72 33.41
C THR A 33 7.55 47.65 32.71
N GLY A 34 8.20 48.81 32.57
CA GLY A 34 9.49 48.88 31.93
C GLY A 34 9.45 49.11 30.43
N GLY A 35 8.27 49.19 29.83
CA GLY A 35 8.17 49.51 28.43
C GLY A 35 8.12 51.02 28.21
N LEU A 36 8.04 51.40 26.94
CA LEU A 36 7.88 52.82 26.62
C LEU A 36 6.66 53.40 27.31
N GLY A 37 5.57 52.63 27.37
CA GLY A 37 4.35 53.07 28.02
C GLY A 37 4.46 53.02 29.53
N PRO A 38 3.43 53.55 30.19
CA PRO A 38 3.48 53.68 31.65
C PRO A 38 3.42 52.33 32.34
N ALA A 39 3.75 52.35 33.63
CA ALA A 39 3.72 51.16 34.45
C ALA A 39 2.28 50.81 34.81
N LEU A 40 1.92 49.54 34.66
CA LEU A 40 0.62 49.03 35.05
C LEU A 40 0.72 48.12 36.28
N THR A 41 1.69 48.37 37.15
CA THR A 41 1.87 47.57 38.35
C THR A 41 0.85 47.96 39.41
N PRO A 42 0.66 47.12 40.42
CA PRO A 42 -0.26 47.49 41.51
C PRO A 42 0.14 48.79 42.20
N GLU A 43 1.44 48.99 42.39
CA GLU A 43 1.90 50.22 43.05
C GLU A 43 1.51 51.45 42.25
N ALA A 44 1.56 51.37 40.92
CA ALA A 44 1.30 52.52 40.07
C ALA A 44 -0.19 52.80 39.90
N LEU A 45 -1.05 51.81 40.11
CA LEU A 45 -2.49 51.98 39.97
C LEU A 45 -3.20 52.10 41.30
N ARG A 46 -2.44 52.28 42.39
CA ARG A 46 -3.00 52.09 43.73
C ARG A 46 -4.14 53.06 44.00
N GLY A 47 -3.99 54.32 43.60
CA GLY A 47 -4.99 55.32 43.90
C GLY A 47 -6.06 55.51 42.86
N LYS A 48 -5.94 54.88 41.69
CA LYS A 48 -6.86 55.20 40.62
C LYS A 48 -8.10 54.31 40.68
N PRO A 49 -9.31 54.86 40.54
CA PRO A 49 -10.51 54.03 40.64
C PRO A 49 -10.58 52.98 39.55
N ARG A 50 -11.18 51.83 39.89
CA ARG A 50 -11.27 50.72 38.96
C ARG A 50 -12.03 51.10 37.70
N GLU A 51 -13.17 51.79 37.85
CA GLU A 51 -13.96 52.16 36.68
C GLU A 51 -13.18 53.08 35.75
N SER A 52 -12.30 53.91 36.31
CA SER A 52 -11.48 54.78 35.47
C SER A 52 -10.57 53.96 34.59
N LEU A 53 -9.83 53.01 35.18
CA LEU A 53 -8.93 52.16 34.42
C LEU A 53 -9.70 51.33 33.41
N VAL A 54 -10.86 50.79 33.80
CA VAL A 54 -11.67 50.03 32.86
C VAL A 54 -12.10 50.90 31.69
N ALA A 55 -12.54 52.13 31.98
CA ALA A 55 -12.87 53.06 30.91
C ALA A 55 -11.69 53.24 29.97
N THR A 56 -10.51 53.50 30.52
CA THR A 56 -9.33 53.69 29.69
C THR A 56 -9.09 52.49 28.77
N VAL A 57 -9.29 51.28 29.29
CA VAL A 57 -9.12 50.08 28.46
C VAL A 57 -10.14 50.07 27.33
N LEU A 58 -11.41 50.32 27.66
CA LEU A 58 -12.47 50.23 26.67
C LEU A 58 -12.40 51.38 25.66
N MET A 59 -11.98 52.56 26.10
CA MET A 59 -12.00 53.75 25.26
C MET A 59 -10.63 54.32 24.97
N GLY A 60 -9.55 53.71 25.46
CA GLY A 60 -8.25 54.29 25.24
C GLY A 60 -8.17 55.69 25.83
N ARG A 61 -7.05 56.35 25.53
CA ARG A 61 -6.84 57.74 25.89
C ARG A 61 -6.63 58.56 24.63
N PRO A 62 -7.54 59.47 24.28
CA PRO A 62 -7.35 60.28 23.07
C PRO A 62 -6.02 61.02 23.11
N GLN A 63 -5.48 61.27 21.92
CA GLN A 63 -4.19 61.95 21.76
C GLN A 63 -3.07 61.18 22.46
N THR A 64 -3.16 59.86 22.45
CA THR A 64 -2.07 59.00 22.90
C THR A 64 -2.11 57.74 22.05
N PRO A 65 -1.08 56.88 22.13
CA PRO A 65 -1.13 55.59 21.45
C PRO A 65 -1.89 54.52 22.23
N MET A 66 -2.41 54.83 23.41
CA MET A 66 -3.22 53.87 24.16
C MET A 66 -4.53 53.64 23.42
N PRO A 67 -4.72 52.50 22.76
CA PRO A 67 -5.87 52.33 21.88
C PRO A 67 -7.10 51.88 22.65
N PRO A 68 -8.29 52.01 22.06
CA PRO A 68 -9.49 51.44 22.67
C PRO A 68 -9.63 49.97 22.34
N TRP A 69 -10.18 49.22 23.29
CA TRP A 69 -10.28 47.78 23.17
C TRP A 69 -11.72 47.27 23.27
N ALA A 70 -12.72 48.15 23.25
CA ALA A 70 -14.09 47.73 23.51
C ALA A 70 -14.59 46.76 22.45
N GLY A 71 -14.26 47.00 21.18
CA GLY A 71 -14.71 46.08 20.13
C GLY A 71 -14.28 44.66 20.40
N LEU A 72 -13.02 44.47 20.79
CA LEU A 72 -12.49 43.14 21.03
C LEU A 72 -12.80 42.62 22.43
N LEU A 73 -13.07 43.51 23.38
CA LEU A 73 -13.26 43.14 24.77
C LEU A 73 -14.63 43.61 25.27
N SER A 74 -15.30 42.74 26.03
CA SER A 74 -16.51 43.15 26.72
C SER A 74 -16.15 44.03 27.92
N ALA A 75 -17.16 44.48 28.65
CA ALA A 75 -16.91 45.20 29.90
C ALA A 75 -16.34 44.26 30.94
N ASP A 76 -16.82 43.01 30.97
CA ASP A 76 -16.28 42.04 31.91
C ASP A 76 -14.83 41.71 31.58
N ASP A 77 -14.51 41.51 30.31
CA ASP A 77 -13.14 41.27 29.90
C ASP A 77 -12.21 42.36 30.42
N ALA A 78 -12.59 43.62 30.23
CA ALA A 78 -11.74 44.72 30.67
C ALA A 78 -11.61 44.74 32.18
N GLY A 79 -12.71 44.52 32.90
CA GLY A 79 -12.64 44.51 34.34
C GLY A 79 -11.76 43.39 34.87
N TRP A 80 -11.80 42.24 34.20
CA TRP A 80 -10.90 41.14 34.54
C TRP A 80 -9.45 41.56 34.35
N LEU A 81 -9.12 42.06 33.16
CA LEU A 81 -7.75 42.51 32.88
C LEU A 81 -7.27 43.46 33.96
N VAL A 82 -8.12 44.43 34.33
CA VAL A 82 -7.75 45.42 35.33
C VAL A 82 -7.49 44.75 36.67
N ASP A 83 -8.33 43.80 37.05
CA ASP A 83 -8.10 43.07 38.30
C ASP A 83 -6.71 42.42 38.30
N ARG A 84 -6.32 41.83 37.17
CA ARG A 84 -5.02 41.18 37.08
C ARG A 84 -3.89 42.20 37.27
N LEU A 85 -4.03 43.38 36.65
CA LEU A 85 -3.04 44.43 36.85
C LEU A 85 -2.98 44.86 38.30
N ILE A 86 -4.15 45.06 38.91
CA ILE A 86 -4.20 45.56 40.28
C ILE A 86 -3.67 44.52 41.25
N GLU A 87 -4.08 43.27 41.09
CA GLU A 87 -3.79 42.22 42.05
C GLU A 87 -2.47 41.49 41.75
N GLY A 88 -1.68 42.01 40.82
CA GLY A 88 -0.41 41.38 40.50
C GLY A 88 -0.53 39.93 40.06
N GLU A 89 -1.50 39.64 39.19
CA GLU A 89 -1.81 38.28 38.76
C GLU A 89 -1.78 38.18 37.24
N ILE A 90 -0.69 38.62 36.62
CA ILE A 90 -0.55 38.43 35.19
C ILE A 90 -0.19 36.98 34.87
N ALA A 91 0.68 36.38 35.67
CA ALA A 91 0.82 34.94 35.64
C ALA A 91 -0.30 34.31 36.47
N PRO A 92 -0.91 33.20 36.00
CA PRO A 92 -1.98 32.62 36.79
C PRO A 92 -1.55 32.28 38.21
N PRO B 8 -31.89 9.43 7.02
CA PRO B 8 -31.39 9.22 5.67
C PRO B 8 -32.33 8.39 4.80
N ASP B 9 -32.32 8.65 3.49
CA ASP B 9 -33.20 7.94 2.57
C ASP B 9 -32.69 6.53 2.30
N ALA B 10 -33.52 5.74 1.63
CA ALA B 10 -33.21 4.32 1.43
C ALA B 10 -31.91 4.13 0.67
N ARG B 11 -31.71 4.88 -0.41
CA ARG B 11 -30.47 4.78 -1.15
C ARG B 11 -29.28 5.03 -0.24
N ARG B 12 -29.42 5.95 0.72
CA ARG B 12 -28.33 6.26 1.63
C ARG B 12 -28.11 5.13 2.63
N GLN B 13 -29.19 4.57 3.16
CA GLN B 13 -29.05 3.51 4.16
C GLN B 13 -28.26 2.33 3.60
N ALA B 14 -28.45 2.00 2.33
CA ALA B 14 -27.64 0.97 1.70
C ALA B 14 -26.22 1.45 1.48
N GLN B 15 -26.06 2.69 1.02
CA GLN B 15 -24.71 3.24 0.83
C GLN B 15 -23.94 3.23 2.15
N LEU B 16 -24.60 3.58 3.25
CA LEU B 16 -23.93 3.61 4.54
C LEU B 16 -23.59 2.22 5.03
N ARG B 17 -24.49 1.24 4.80
CA ARG B 17 -24.21 -0.12 5.24
C ARG B 17 -23.08 -0.74 4.44
N HIS B 18 -22.96 -0.38 3.15
CA HIS B 18 -21.83 -0.83 2.36
C HIS B 18 -20.52 -0.32 2.95
N LEU B 19 -20.46 0.98 3.25
CA LEU B 19 -19.28 1.55 3.88
C LEU B 19 -18.97 0.84 5.19
N LEU B 20 -20.00 0.62 6.02
CA LEU B 20 -19.78 0.01 7.33
C LEU B 20 -19.16 -1.38 7.21
N LEU B 21 -19.64 -2.18 6.26
CA LEU B 21 -19.21 -3.57 6.20
C LEU B 21 -17.86 -3.73 5.51
N GLN B 22 -17.72 -3.23 4.28
CA GLN B 22 -16.46 -3.42 3.56
C GLN B 22 -15.32 -2.66 4.23
N ASP B 23 -15.55 -1.41 4.62
CA ASP B 23 -14.46 -0.53 5.02
C ASP B 23 -14.24 -0.53 6.53
N CYS B 24 -15.23 -0.09 7.30
CA CYS B 24 -15.08 -0.10 8.76
C CYS B 24 -14.76 -1.50 9.27
N GLY B 25 -15.37 -2.52 8.67
CA GLY B 25 -15.20 -3.88 9.17
C GLY B 25 -13.79 -4.39 9.11
N SER B 26 -12.93 -3.77 8.31
CA SER B 26 -11.55 -4.26 8.20
C SER B 26 -10.80 -4.04 9.49
N CYS B 27 -10.77 -2.81 9.99
CA CYS B 27 -10.08 -2.53 11.25
C CYS B 27 -10.87 -3.01 12.46
N HIS B 28 -12.19 -3.02 12.37
CA HIS B 28 -13.04 -3.35 13.51
C HIS B 28 -13.50 -4.81 13.49
N GLY B 29 -12.82 -5.66 12.72
CA GLY B 29 -12.99 -7.10 12.81
C GLY B 29 -14.36 -7.64 12.45
N LEU B 30 -14.79 -7.41 11.22
CA LEU B 30 -16.04 -8.01 10.75
C LEU B 30 -15.92 -9.52 10.77
N ARG B 31 -16.96 -10.18 11.29
CA ARG B 31 -16.97 -11.63 11.43
C ARG B 31 -18.39 -12.13 11.23
N LEU B 32 -18.51 -13.36 10.73
CA LEU B 32 -19.82 -14.01 10.59
C LEU B 32 -20.07 -14.81 11.85
N THR B 33 -20.58 -14.12 12.88
CA THR B 33 -20.87 -14.74 14.16
C THR B 33 -21.98 -13.94 14.84
N GLY B 34 -22.55 -14.54 15.88
CA GLY B 34 -23.61 -13.90 16.62
C GLY B 34 -25.01 -14.11 16.08
N GLY B 35 -25.20 -15.09 15.19
CA GLY B 35 -26.48 -15.32 14.55
C GLY B 35 -27.16 -16.56 15.07
N LEU B 36 -28.25 -16.92 14.37
CA LEU B 36 -29.01 -18.11 14.73
C LEU B 36 -28.31 -19.38 14.29
N GLY B 37 -27.54 -19.32 13.22
CA GLY B 37 -26.79 -20.46 12.75
C GLY B 37 -25.43 -20.52 13.41
N PRO B 38 -24.66 -21.56 13.12
CA PRO B 38 -23.35 -21.71 13.75
C PRO B 38 -22.42 -20.58 13.34
N ALA B 39 -21.40 -20.37 14.16
CA ALA B 39 -20.40 -19.34 13.89
C ALA B 39 -19.45 -19.82 12.80
N LEU B 40 -19.13 -18.91 11.88
CA LEU B 40 -18.18 -19.18 10.81
C LEU B 40 -16.93 -18.34 11.02
N THR B 41 -16.35 -18.43 12.19
CA THR B 41 -15.16 -17.70 12.60
C THR B 41 -13.92 -18.54 12.40
N PRO B 42 -12.73 -17.93 12.35
CA PRO B 42 -11.51 -18.74 12.34
C PRO B 42 -11.43 -19.67 13.54
N GLU B 43 -11.82 -19.19 14.71
CA GLU B 43 -11.77 -20.01 15.92
C GLU B 43 -12.74 -21.19 15.82
N ALA B 44 -13.91 -20.97 15.23
CA ALA B 44 -14.90 -22.04 15.12
C ALA B 44 -14.62 -22.98 13.95
N LEU B 45 -13.90 -22.52 12.92
CA LEU B 45 -13.65 -23.33 11.74
C LEU B 45 -12.24 -23.87 11.64
N ARG B 46 -11.27 -23.28 12.33
CA ARG B 46 -9.96 -23.90 12.45
C ARG B 46 -10.11 -25.26 13.10
N GLY B 47 -9.53 -26.28 12.49
CA GLY B 47 -9.66 -27.65 12.95
C GLY B 47 -10.65 -28.47 12.16
N LYS B 48 -11.60 -27.84 11.48
CA LYS B 48 -12.52 -28.58 10.63
C LYS B 48 -11.91 -28.74 9.24
N PRO B 49 -12.08 -29.90 8.59
CA PRO B 49 -11.45 -30.08 7.27
C PRO B 49 -12.01 -29.10 6.25
N ARG B 50 -11.09 -28.47 5.50
CA ARG B 50 -11.51 -27.53 4.48
C ARG B 50 -12.45 -28.19 3.47
N GLU B 51 -12.13 -29.40 3.02
CA GLU B 51 -12.95 -30.06 2.01
C GLU B 51 -14.37 -30.28 2.52
N SER B 52 -14.52 -30.60 3.82
CA SER B 52 -15.85 -30.83 4.37
C SER B 52 -16.65 -29.54 4.45
N LEU B 53 -16.00 -28.43 4.77
CA LEU B 53 -16.70 -27.14 4.78
C LEU B 53 -17.14 -26.76 3.37
N VAL B 54 -16.28 -26.97 2.38
CA VAL B 54 -16.64 -26.65 1.00
C VAL B 54 -17.83 -27.48 0.56
N ALA B 55 -17.82 -28.77 0.90
CA ALA B 55 -18.96 -29.64 0.57
C ALA B 55 -20.24 -29.09 1.18
N THR B 56 -20.18 -28.65 2.43
CA THR B 56 -21.37 -28.10 3.07
C THR B 56 -21.91 -26.89 2.30
N VAL B 57 -21.02 -26.03 1.83
CA VAL B 57 -21.45 -24.84 1.10
C VAL B 57 -22.14 -25.23 -0.20
N LEU B 58 -21.52 -26.14 -0.96
CA LEU B 58 -22.00 -26.45 -2.30
C LEU B 58 -23.24 -27.35 -2.28
N MET B 59 -23.42 -28.15 -1.22
CA MET B 59 -24.51 -29.10 -1.16
C MET B 59 -25.41 -28.93 0.05
N GLY B 60 -25.12 -27.97 0.92
CA GLY B 60 -25.90 -27.87 2.14
C GLY B 60 -25.73 -29.14 2.95
N ARG B 61 -26.52 -29.22 4.02
CA ARG B 61 -26.63 -30.44 4.82
C ARG B 61 -28.08 -30.88 4.85
N PRO B 62 -28.41 -32.08 4.40
CA PRO B 62 -29.83 -32.45 4.26
C PRO B 62 -30.59 -32.35 5.57
N GLN B 63 -31.85 -31.94 5.47
CA GLN B 63 -32.75 -31.87 6.61
C GLN B 63 -32.24 -30.89 7.67
N THR B 64 -31.49 -29.89 7.24
CA THR B 64 -31.12 -28.73 8.05
C THR B 64 -31.40 -27.49 7.21
N PRO B 65 -31.34 -26.31 7.82
CA PRO B 65 -31.60 -25.08 7.05
C PRO B 65 -30.48 -24.74 6.09
N MET B 66 -29.30 -25.32 6.23
CA MET B 66 -28.17 -24.97 5.39
C MET B 66 -28.41 -25.43 3.96
N PRO B 67 -28.65 -24.53 3.00
CA PRO B 67 -29.03 -24.97 1.66
C PRO B 67 -27.81 -25.18 0.78
N PRO B 68 -28.00 -25.78 -0.40
CA PRO B 68 -26.89 -25.90 -1.34
C PRO B 68 -26.75 -24.64 -2.18
N TRP B 69 -25.50 -24.29 -2.51
CA TRP B 69 -25.18 -23.08 -3.24
C TRP B 69 -24.42 -23.36 -4.53
N ALA B 70 -24.46 -24.60 -5.02
CA ALA B 70 -23.60 -24.99 -6.13
C ALA B 70 -23.89 -24.18 -7.38
N GLY B 71 -25.16 -24.07 -7.76
CA GLY B 71 -25.48 -23.39 -9.01
C GLY B 71 -24.91 -21.98 -9.07
N LEU B 72 -25.03 -21.24 -7.98
CA LEU B 72 -24.60 -19.85 -7.92
C LEU B 72 -23.13 -19.71 -7.57
N LEU B 73 -22.50 -20.75 -7.04
CA LEU B 73 -21.11 -20.72 -6.60
C LEU B 73 -20.34 -21.86 -7.24
N SER B 74 -19.20 -21.53 -7.85
CA SER B 74 -18.31 -22.56 -8.33
C SER B 74 -17.74 -23.34 -7.14
N ALA B 75 -17.00 -24.41 -7.45
CA ALA B 75 -16.21 -25.05 -6.40
C ALA B 75 -15.10 -24.13 -5.93
N ASP B 76 -14.51 -23.35 -6.86
CA ASP B 76 -13.50 -22.37 -6.48
C ASP B 76 -14.10 -21.25 -5.65
N ASP B 77 -15.31 -20.80 -6.00
CA ASP B 77 -15.95 -19.75 -5.23
C ASP B 77 -16.17 -20.20 -3.78
N ALA B 78 -16.69 -21.41 -3.61
CA ALA B 78 -16.96 -21.91 -2.26
C ALA B 78 -15.67 -22.12 -1.49
N GLY B 79 -14.64 -22.65 -2.14
CA GLY B 79 -13.33 -22.72 -1.50
C GLY B 79 -12.82 -21.35 -1.10
N TRP B 80 -12.98 -20.36 -1.99
CA TRP B 80 -12.51 -19.02 -1.68
C TRP B 80 -13.24 -18.44 -0.48
N LEU B 81 -14.58 -18.56 -0.47
CA LEU B 81 -15.34 -18.08 0.68
C LEU B 81 -14.92 -18.78 1.96
N VAL B 82 -14.77 -20.11 1.89
CA VAL B 82 -14.38 -20.86 3.09
C VAL B 82 -13.03 -20.39 3.62
N ASP B 83 -12.11 -20.07 2.72
CA ASP B 83 -10.80 -19.60 3.17
C ASP B 83 -10.91 -18.26 3.88
N ARG B 84 -11.73 -17.34 3.35
CA ARG B 84 -11.91 -16.06 4.02
C ARG B 84 -12.52 -16.23 5.40
N LEU B 85 -13.36 -17.25 5.58
CA LEU B 85 -13.90 -17.53 6.90
C LEU B 85 -12.83 -18.10 7.82
N ILE B 86 -12.00 -19.01 7.31
CA ILE B 86 -10.96 -19.61 8.13
C ILE B 86 -9.88 -18.60 8.46
N GLU B 87 -9.49 -17.76 7.49
CA GLU B 87 -8.38 -16.84 7.70
C GLU B 87 -8.82 -15.57 8.41
N GLY B 88 -10.00 -15.06 8.10
CA GLY B 88 -10.55 -13.92 8.80
C GLY B 88 -10.56 -12.61 8.04
N GLU B 89 -10.41 -12.63 6.72
CA GLU B 89 -10.60 -11.42 5.91
C GLU B 89 -12.00 -11.49 5.32
N ILE B 90 -12.98 -11.09 6.13
CA ILE B 90 -14.34 -10.93 5.63
C ILE B 90 -14.46 -9.61 4.88
N ALA B 91 -14.18 -8.51 5.57
CA ALA B 91 -14.04 -7.25 4.89
C ALA B 91 -12.63 -7.14 4.31
N PRO B 92 -12.49 -6.61 3.08
CA PRO B 92 -11.17 -6.61 2.44
C PRO B 92 -10.11 -5.91 3.30
N PRO C 8 -15.84 35.97 32.78
CA PRO C 8 -15.24 35.19 31.68
C PRO C 8 -14.83 33.78 32.10
N ASP C 9 -15.03 32.81 31.22
CA ASP C 9 -14.70 31.43 31.53
C ASP C 9 -13.21 31.18 31.36
N ALA C 10 -12.78 29.99 31.77
CA ALA C 10 -11.36 29.66 31.76
C ALA C 10 -10.76 29.82 30.37
N ARG C 11 -11.48 29.38 29.34
CA ARG C 11 -11.00 29.55 27.98
C ARG C 11 -10.79 31.03 27.65
N ARG C 12 -11.72 31.88 28.08
CA ARG C 12 -11.58 33.32 27.84
C ARG C 12 -10.42 33.91 28.65
N GLN C 13 -10.30 33.51 29.92
CA GLN C 13 -9.18 33.97 30.73
C GLN C 13 -7.85 33.72 30.03
N ALA C 14 -7.72 32.56 29.38
CA ALA C 14 -6.47 32.26 28.69
C ALA C 14 -6.26 33.19 27.50
N GLN C 15 -7.31 33.45 26.74
CA GLN C 15 -7.21 34.40 25.64
C GLN C 15 -6.85 35.80 26.13
N LEU C 16 -7.33 36.16 27.32
CA LEU C 16 -7.04 37.48 27.86
C LEU C 16 -5.61 37.58 28.42
N ARG C 17 -5.09 36.51 29.01
CA ARG C 17 -3.69 36.53 29.44
C ARG C 17 -2.78 36.69 28.24
N HIS C 18 -3.08 36.01 27.14
CA HIS C 18 -2.28 36.15 25.93
C HIS C 18 -2.26 37.60 25.48
N LEU C 19 -3.44 38.23 25.36
CA LEU C 19 -3.50 39.63 24.99
C LEU C 19 -2.65 40.48 25.93
N LEU C 20 -2.75 40.21 27.23
CA LEU C 20 -1.95 40.94 28.21
C LEU C 20 -0.46 40.85 27.90
N LEU C 21 0.01 39.66 27.50
CA LEU C 21 1.44 39.44 27.33
C LEU C 21 1.94 39.97 25.99
N GLN C 22 1.16 39.80 24.93
CA GLN C 22 1.62 40.17 23.59
C GLN C 22 1.30 41.62 23.25
N ASP C 23 0.04 42.04 23.40
CA ASP C 23 -0.36 43.37 22.99
C ASP C 23 -0.09 44.41 24.07
N CYS C 24 -0.71 44.25 25.24
CA CYS C 24 -0.50 45.20 26.32
C CYS C 24 0.96 45.27 26.71
N GLY C 25 1.65 44.13 26.72
CA GLY C 25 3.05 44.11 27.12
C GLY C 25 3.96 44.80 26.14
N SER C 26 3.56 44.88 24.87
CA SER C 26 4.39 45.55 23.86
C SER C 26 4.66 47.00 24.27
N CYS C 27 3.62 47.76 24.58
CA CYS C 27 3.80 49.15 24.96
C CYS C 27 4.14 49.30 26.44
N HIS C 28 3.48 48.54 27.30
CA HIS C 28 3.65 48.68 28.74
C HIS C 28 4.81 47.85 29.29
N GLY C 29 5.46 47.05 28.46
CA GLY C 29 6.62 46.29 28.87
C GLY C 29 6.30 45.09 29.75
N LEU C 30 7.25 44.16 29.85
CA LEU C 30 7.13 43.01 30.74
C LEU C 30 8.41 42.88 31.56
N ARG C 31 8.25 42.71 32.88
CA ARG C 31 9.39 42.56 33.77
C ARG C 31 9.02 41.59 34.88
N LEU C 32 10.01 40.80 35.31
CA LEU C 32 9.88 39.88 36.43
C LEU C 32 10.42 40.58 37.67
N THR C 33 9.56 41.38 38.30
CA THR C 33 9.96 42.24 39.41
C THR C 33 10.01 41.51 40.75
N GLY C 34 9.68 40.22 40.77
CA GLY C 34 9.78 39.45 41.99
C GLY C 34 8.55 39.49 42.85
N GLY C 35 8.16 38.33 43.38
CA GLY C 35 7.06 38.24 44.32
C GLY C 35 7.46 37.37 45.50
N LEU C 36 6.97 36.13 45.52
CA LEU C 36 7.49 35.16 46.49
C LEU C 36 8.96 34.88 46.23
N GLY C 37 9.34 34.74 44.96
CA GLY C 37 10.72 34.56 44.59
C GLY C 37 11.37 35.88 44.23
N PRO C 38 12.70 35.89 44.16
CA PRO C 38 13.40 37.14 43.87
C PRO C 38 13.13 37.63 42.45
N ALA C 39 13.47 38.88 42.22
CA ALA C 39 13.35 39.45 40.88
C ALA C 39 14.31 38.75 39.93
N LEU C 40 13.82 38.47 38.72
CA LEU C 40 14.64 37.92 37.65
C LEU C 40 14.89 38.98 36.58
N THR C 41 15.13 40.21 37.01
CA THR C 41 15.41 41.30 36.10
C THR C 41 16.90 41.37 35.79
N PRO C 42 17.28 41.88 34.62
CA PRO C 42 18.72 42.01 34.32
C PRO C 42 19.47 42.75 35.41
N GLU C 43 18.82 43.70 36.08
CA GLU C 43 19.48 44.46 37.13
C GLU C 43 19.73 43.59 38.36
N ALA C 44 18.76 42.74 38.71
CA ALA C 44 18.91 41.90 39.90
C ALA C 44 19.84 40.71 39.67
N LEU C 45 20.04 40.30 38.43
CA LEU C 45 20.96 39.23 38.10
C LEU C 45 22.32 39.74 37.65
N ARG C 46 22.60 41.02 37.87
CA ARG C 46 23.86 41.60 37.46
C ARG C 46 25.03 40.90 38.14
N GLY C 47 26.02 40.50 37.33
CA GLY C 47 27.25 39.96 37.83
C GLY C 47 27.20 38.54 38.37
N LYS C 48 26.04 37.94 38.48
CA LYS C 48 25.95 36.60 39.05
C LYS C 48 26.40 35.58 38.02
N PRO C 49 27.27 34.63 38.38
CA PRO C 49 27.70 33.61 37.42
C PRO C 49 26.51 33.02 36.67
N ARG C 50 26.60 33.00 35.34
CA ARG C 50 25.49 32.49 34.54
C ARG C 50 25.22 31.03 34.86
N GLU C 51 26.27 30.21 34.95
CA GLU C 51 26.09 28.80 35.26
C GLU C 51 25.47 28.59 36.64
N SER C 52 25.60 29.58 37.54
CA SER C 52 24.93 29.49 38.83
C SER C 52 23.42 29.62 38.67
N LEU C 53 22.97 30.50 37.76
CA LEU C 53 21.54 30.66 37.55
C LEU C 53 20.95 29.46 36.84
N VAL C 54 21.71 28.86 35.92
CA VAL C 54 21.25 27.64 35.26
C VAL C 54 21.17 26.49 36.25
N ALA C 55 22.13 26.41 37.17
CA ALA C 55 22.10 25.37 38.19
C ALA C 55 20.85 25.48 39.05
N THR C 56 20.49 26.71 39.44
CA THR C 56 19.32 26.90 40.28
C THR C 56 18.05 26.46 39.56
N VAL C 57 18.00 26.66 38.24
CA VAL C 57 16.80 26.29 37.48
C VAL C 57 16.69 24.77 37.38
N LEU C 58 17.81 24.10 37.12
CA LEU C 58 17.75 22.65 36.85
C LEU C 58 17.52 21.86 38.13
N MET C 59 18.09 22.30 39.25
CA MET C 59 18.04 21.54 40.49
C MET C 59 17.28 22.25 41.60
N GLY C 60 16.81 23.47 41.36
CA GLY C 60 16.05 24.20 42.37
C GLY C 60 16.91 24.62 43.55
N ARG C 61 16.22 25.06 44.59
CA ARG C 61 16.86 25.44 45.85
C ARG C 61 16.16 24.68 46.97
N PRO C 62 16.81 23.67 47.56
CA PRO C 62 16.14 22.88 48.60
C PRO C 62 15.63 23.74 49.75
N GLN C 63 14.53 23.28 50.37
CA GLN C 63 13.88 23.97 51.47
C GLN C 63 13.37 25.35 51.08
N THR C 64 13.10 25.57 49.79
CA THR C 64 12.47 26.80 49.33
C THR C 64 11.40 26.43 48.30
N PRO C 65 10.50 27.35 47.96
CA PRO C 65 9.47 27.04 46.95
C PRO C 65 10.02 26.91 45.54
N MET C 66 11.28 27.23 45.30
CA MET C 66 11.86 27.14 43.96
C MET C 66 12.07 25.67 43.58
N PRO C 67 11.29 25.12 42.65
CA PRO C 67 11.42 23.69 42.36
C PRO C 67 12.55 23.41 41.40
N PRO C 68 12.90 22.14 41.22
CA PRO C 68 13.87 21.75 40.19
C PRO C 68 13.19 21.55 38.85
N TRP C 69 13.73 22.12 37.78
CA TRP C 69 13.10 22.02 36.47
C TRP C 69 13.81 21.04 35.54
N ALA C 70 14.83 20.33 36.03
CA ALA C 70 15.48 19.32 35.21
C ALA C 70 14.49 18.28 34.70
N GLY C 71 13.42 18.02 35.45
CA GLY C 71 12.43 17.06 35.00
C GLY C 71 11.83 17.43 33.65
N LEU C 72 11.84 18.70 33.30
CA LEU C 72 11.27 19.18 32.06
C LEU C 72 12.26 19.89 31.15
N LEU C 73 13.33 20.46 31.69
CA LEU C 73 14.22 21.33 30.95
C LEU C 73 15.61 20.71 30.87
N SER C 74 16.15 20.65 29.66
CA SER C 74 17.54 20.26 29.48
C SER C 74 18.46 21.41 29.93
N ALA C 75 19.76 21.16 29.87
CA ALA C 75 20.72 22.21 30.18
C ALA C 75 20.70 23.29 29.10
N ASP C 76 20.35 22.93 27.87
CA ASP C 76 20.19 23.93 26.82
C ASP C 76 18.99 24.83 27.12
N ASP C 77 17.86 24.22 27.47
CA ASP C 77 16.66 24.99 27.78
C ASP C 77 16.93 25.98 28.92
N ALA C 78 17.50 25.50 30.02
CA ALA C 78 17.72 26.38 31.16
C ALA C 78 18.68 27.51 30.82
N GLY C 79 19.70 27.21 30.01
CA GLY C 79 20.63 28.26 29.60
C GLY C 79 19.96 29.29 28.71
N TRP C 80 19.09 28.84 27.80
CA TRP C 80 18.37 29.78 26.96
C TRP C 80 17.53 30.74 27.80
N LEU C 81 16.69 30.20 28.69
CA LEU C 81 15.91 31.04 29.59
C LEU C 81 16.80 32.03 30.32
N VAL C 82 17.88 31.53 30.94
CA VAL C 82 18.77 32.40 31.70
C VAL C 82 19.30 33.52 30.83
N ASP C 83 19.65 33.21 29.58
CA ASP C 83 20.08 34.26 28.67
C ASP C 83 18.99 35.30 28.47
N ARG C 84 17.74 34.85 28.31
CA ARG C 84 16.62 35.78 28.14
C ARG C 84 16.45 36.64 29.38
N LEU C 85 16.61 36.05 30.56
CA LEU C 85 16.49 36.83 31.79
C LEU C 85 17.63 37.85 31.90
N ILE C 86 18.83 37.46 31.47
CA ILE C 86 19.97 38.38 31.55
C ILE C 86 19.79 39.53 30.55
N GLU C 87 19.33 39.24 29.35
CA GLU C 87 19.07 40.30 28.37
C GLU C 87 17.90 41.18 28.80
N GLY C 88 16.90 40.61 29.46
CA GLY C 88 15.64 41.27 29.68
C GLY C 88 14.61 41.04 28.60
N GLU C 89 14.99 40.37 27.51
CA GLU C 89 14.09 40.13 26.37
C GLU C 89 13.22 38.91 26.69
N ILE C 90 12.23 39.12 27.56
CA ILE C 90 11.31 38.06 27.93
C ILE C 90 9.98 38.16 27.20
N ALA C 91 9.78 39.19 26.38
CA ALA C 91 8.53 39.34 25.67
C ALA C 91 8.28 38.11 24.80
N PRO C 92 7.05 37.59 24.73
CA PRO C 92 6.80 36.42 23.89
C PRO C 92 6.97 36.75 22.41
N PRO D 8 3.26 -27.47 -6.56
CA PRO D 8 3.92 -27.17 -7.83
C PRO D 8 3.45 -28.07 -8.98
N ASP D 9 3.58 -27.58 -10.22
CA ASP D 9 3.12 -28.32 -11.38
C ASP D 9 4.24 -29.25 -11.90
N ALA D 10 3.83 -30.13 -12.83
CA ALA D 10 4.74 -31.14 -13.37
C ALA D 10 6.07 -30.55 -13.80
N ARG D 11 6.03 -29.46 -14.59
CA ARG D 11 7.28 -28.86 -15.06
C ARG D 11 8.10 -28.31 -13.91
N ARG D 12 7.42 -27.77 -12.88
CA ARG D 12 8.13 -27.21 -11.74
C ARG D 12 8.79 -28.31 -10.90
N GLN D 13 8.11 -29.46 -10.77
CA GLN D 13 8.69 -30.56 -10.00
C GLN D 13 9.98 -31.07 -10.64
N ALA D 14 10.02 -31.12 -11.96
CA ALA D 14 11.24 -31.55 -12.64
C ALA D 14 12.38 -30.60 -12.35
N GLN D 15 12.11 -29.29 -12.36
CA GLN D 15 13.15 -28.32 -12.07
C GLN D 15 13.67 -28.47 -10.64
N LEU D 16 12.78 -28.75 -9.69
CA LEU D 16 13.20 -28.87 -8.30
C LEU D 16 13.98 -30.15 -8.07
N ARG D 17 13.57 -31.26 -8.69
CA ARG D 17 14.33 -32.49 -8.58
C ARG D 17 15.74 -32.30 -9.11
N HIS D 18 15.88 -31.62 -10.24
CA HIS D 18 17.21 -31.32 -10.78
C HIS D 18 18.01 -30.46 -9.81
N LEU D 19 17.39 -29.40 -9.29
CA LEU D 19 18.08 -28.52 -8.35
C LEU D 19 18.56 -29.28 -7.12
N LEU D 20 17.72 -30.18 -6.60
CA LEU D 20 18.06 -30.91 -5.39
C LEU D 20 19.40 -31.62 -5.56
N LEU D 21 19.60 -32.28 -6.69
CA LEU D 21 20.82 -33.05 -6.92
C LEU D 21 21.97 -32.15 -7.35
N GLN D 22 21.68 -31.14 -8.17
CA GLN D 22 22.75 -30.34 -8.78
C GLN D 22 23.41 -29.42 -7.77
N ASP D 23 22.63 -28.76 -6.91
CA ASP D 23 23.15 -27.75 -6.00
C ASP D 23 23.08 -28.12 -4.53
N CYS D 24 22.35 -29.17 -4.15
CA CYS D 24 22.37 -29.66 -2.78
C CYS D 24 23.11 -30.98 -2.62
N GLY D 25 23.22 -31.77 -3.67
CA GLY D 25 23.72 -33.14 -3.52
C GLY D 25 25.11 -33.20 -2.94
N SER D 26 25.97 -32.26 -3.31
CA SER D 26 27.36 -32.30 -2.86
C SER D 26 27.45 -32.14 -1.35
N CYS D 27 26.98 -31.01 -0.82
CA CYS D 27 27.07 -30.76 0.62
C CYS D 27 26.44 -31.89 1.42
N HIS D 28 25.31 -32.42 0.94
CA HIS D 28 24.54 -33.42 1.68
C HIS D 28 24.82 -34.84 1.20
N GLY D 29 25.91 -35.05 0.47
CA GLY D 29 26.39 -36.39 0.16
C GLY D 29 25.45 -37.24 -0.67
N LEU D 30 25.16 -36.80 -1.89
CA LEU D 30 24.38 -37.62 -2.80
C LEU D 30 25.16 -38.87 -3.17
N ARG D 31 24.54 -40.03 -2.96
CA ARG D 31 25.19 -41.33 -3.18
C ARG D 31 24.24 -42.26 -3.90
N LEU D 32 24.80 -43.12 -4.74
CA LEU D 32 24.01 -44.16 -5.43
C LEU D 32 23.86 -45.33 -4.48
N THR D 33 22.76 -45.32 -3.73
CA THR D 33 22.51 -46.35 -2.72
C THR D 33 21.05 -46.28 -2.33
N GLY D 34 20.55 -47.38 -1.75
CA GLY D 34 19.19 -47.43 -1.28
C GLY D 34 18.18 -47.90 -2.29
N GLY D 35 18.60 -48.41 -3.44
CA GLY D 35 17.71 -48.91 -4.46
C GLY D 35 17.72 -50.43 -4.55
N LEU D 36 17.03 -50.93 -5.58
CA LEU D 36 17.02 -52.36 -5.83
C LEU D 36 18.43 -52.92 -5.91
N GLY D 37 19.29 -52.27 -6.70
CA GLY D 37 20.64 -52.73 -6.87
C GLY D 37 21.49 -52.42 -5.66
N PRO D 38 22.75 -52.88 -5.71
CA PRO D 38 23.65 -52.71 -4.57
C PRO D 38 24.12 -51.27 -4.44
N ALA D 39 24.62 -50.97 -3.24
CA ALA D 39 25.15 -49.63 -2.96
C ALA D 39 26.47 -49.44 -3.68
N LEU D 40 26.57 -48.35 -4.44
CA LEU D 40 27.81 -47.97 -5.12
C LEU D 40 28.53 -46.85 -4.39
N THR D 41 28.56 -46.92 -3.06
CA THR D 41 29.19 -45.91 -2.24
C THR D 41 30.68 -46.24 -2.05
N PRO D 42 31.47 -45.27 -1.60
CA PRO D 42 32.89 -45.58 -1.33
C PRO D 42 33.06 -46.71 -0.33
N GLU D 43 32.22 -46.75 0.70
CA GLU D 43 32.33 -47.80 1.72
C GLU D 43 32.01 -49.17 1.13
N ALA D 44 30.98 -49.25 0.28
CA ALA D 44 30.58 -50.54 -0.28
C ALA D 44 31.60 -51.05 -1.29
N LEU D 45 32.30 -50.14 -1.97
CA LEU D 45 33.25 -50.52 -3.02
C LEU D 45 34.69 -50.54 -2.52
N ARG D 46 34.91 -50.45 -1.22
CA ARG D 46 36.26 -50.49 -0.67
C ARG D 46 36.87 -51.86 -0.89
N GLY D 47 38.09 -51.88 -1.41
CA GLY D 47 38.80 -53.13 -1.65
C GLY D 47 38.52 -53.78 -2.98
N LYS D 48 37.66 -53.19 -3.82
CA LYS D 48 37.34 -53.78 -5.12
C LYS D 48 38.15 -53.07 -6.20
N PRO D 49 38.98 -53.79 -6.95
CA PRO D 49 39.80 -53.13 -7.99
C PRO D 49 38.96 -52.28 -8.92
N ARG D 50 39.53 -51.15 -9.34
CA ARG D 50 38.83 -50.28 -10.28
C ARG D 50 38.53 -51.01 -11.58
N GLU D 51 39.53 -51.70 -12.15
CA GLU D 51 39.32 -52.41 -13.41
C GLU D 51 38.28 -53.52 -13.25
N SER D 52 38.15 -54.08 -12.06
CA SER D 52 37.09 -55.03 -11.79
C SER D 52 35.72 -54.36 -11.90
N LEU D 53 35.57 -53.21 -11.26
CA LEU D 53 34.29 -52.48 -11.33
C LEU D 53 33.97 -52.08 -12.77
N VAL D 54 34.98 -51.64 -13.52
CA VAL D 54 34.75 -51.27 -14.91
C VAL D 54 34.24 -52.47 -15.71
N ALA D 55 34.74 -53.67 -15.38
CA ALA D 55 34.31 -54.86 -16.10
C ALA D 55 32.82 -55.12 -15.89
N THR D 56 32.35 -54.95 -14.65
CA THR D 56 30.93 -55.15 -14.37
C THR D 56 30.08 -54.17 -15.18
N VAL D 57 30.58 -52.95 -15.36
CA VAL D 57 29.86 -51.96 -16.16
C VAL D 57 29.84 -52.38 -17.63
N LEU D 58 31.00 -52.76 -18.17
CA LEU D 58 31.08 -53.10 -19.58
C LEU D 58 30.38 -54.41 -19.89
N MET D 59 30.72 -55.47 -19.15
CA MET D 59 30.16 -56.78 -19.43
C MET D 59 28.82 -57.00 -18.77
N GLY D 60 28.54 -56.30 -17.67
CA GLY D 60 27.35 -56.57 -16.89
C GLY D 60 27.54 -57.80 -16.03
N ARG D 61 26.45 -58.20 -15.36
CA ARG D 61 26.40 -59.51 -14.74
C ARG D 61 25.36 -60.36 -15.46
N PRO D 62 25.72 -61.56 -15.90
CA PRO D 62 24.96 -62.21 -16.98
C PRO D 62 23.51 -62.55 -16.65
N GLN D 63 23.16 -62.80 -15.39
CA GLN D 63 21.79 -63.17 -15.05
C GLN D 63 21.27 -62.33 -13.88
N THR D 64 21.55 -61.03 -13.90
CA THR D 64 21.08 -60.09 -12.91
C THR D 64 20.54 -58.86 -13.62
N PRO D 65 19.80 -58.01 -12.90
CA PRO D 65 19.25 -56.80 -13.53
C PRO D 65 20.31 -55.89 -14.17
N MET D 66 21.56 -56.00 -13.74
CA MET D 66 22.66 -55.16 -14.22
C MET D 66 22.95 -55.41 -15.69
N PRO D 67 22.69 -54.46 -16.58
CA PRO D 67 22.90 -54.72 -18.01
C PRO D 67 24.32 -54.44 -18.41
N PRO D 68 24.72 -54.83 -19.64
CA PRO D 68 26.04 -54.47 -20.15
C PRO D 68 26.03 -53.11 -20.83
N TRP D 69 27.01 -52.26 -20.52
CA TRP D 69 27.07 -50.92 -21.07
C TRP D 69 28.12 -50.76 -22.16
N ALA D 70 28.81 -51.83 -22.52
CA ALA D 70 29.74 -51.77 -23.65
C ALA D 70 28.99 -51.39 -24.91
N GLY D 71 29.71 -50.78 -25.86
CA GLY D 71 29.13 -50.26 -27.07
C GLY D 71 28.61 -48.85 -26.91
N LEU D 72 27.96 -48.58 -25.78
CA LEU D 72 27.57 -47.22 -25.43
C LEU D 72 28.66 -46.51 -24.65
N LEU D 73 29.33 -47.23 -23.74
CA LEU D 73 30.35 -46.66 -22.88
C LEU D 73 31.71 -47.26 -23.23
N SER D 74 32.68 -46.40 -23.47
CA SER D 74 34.05 -46.86 -23.60
C SER D 74 34.57 -47.36 -22.26
N ALA D 75 35.76 -47.96 -22.29
CA ALA D 75 36.45 -48.24 -21.04
C ALA D 75 36.77 -46.96 -20.29
N ASP D 76 37.05 -45.88 -21.02
CA ASP D 76 37.30 -44.59 -20.37
C ASP D 76 36.02 -44.03 -19.77
N ASP D 77 34.89 -44.17 -20.45
CA ASP D 77 33.62 -43.74 -19.87
C ASP D 77 33.31 -44.54 -18.60
N ALA D 78 33.48 -45.85 -18.66
CA ALA D 78 33.21 -46.68 -17.49
C ALA D 78 34.13 -46.31 -16.34
N GLY D 79 35.39 -46.01 -16.64
CA GLY D 79 36.31 -45.61 -15.58
C GLY D 79 35.91 -44.29 -14.96
N TRP D 80 35.64 -43.28 -15.79
CA TRP D 80 35.19 -41.99 -15.28
C TRP D 80 33.99 -42.17 -14.36
N LEU D 81 33.00 -42.95 -14.79
CA LEU D 81 31.85 -43.25 -13.94
C LEU D 81 32.31 -43.89 -12.64
N VAL D 82 33.19 -44.89 -12.73
CA VAL D 82 33.67 -45.56 -11.52
C VAL D 82 34.40 -44.58 -10.62
N ASP D 83 35.17 -43.66 -11.21
CA ASP D 83 35.87 -42.67 -10.41
C ASP D 83 34.90 -41.81 -9.61
N ARG D 84 33.77 -41.46 -10.20
CA ARG D 84 32.78 -40.66 -9.47
C ARG D 84 32.18 -41.47 -8.32
N LEU D 85 31.97 -42.77 -8.54
CA LEU D 85 31.43 -43.62 -7.49
C LEU D 85 32.41 -43.76 -6.33
N ILE D 86 33.66 -44.11 -6.64
CA ILE D 86 34.66 -44.30 -5.58
C ILE D 86 34.91 -42.98 -4.85
N GLU D 87 35.24 -41.94 -5.58
CA GLU D 87 35.51 -40.63 -4.98
C GLU D 87 34.21 -40.02 -4.44
N PRO E 8 -1.66 -33.89 -48.71
CA PRO E 8 -0.22 -33.80 -48.93
C PRO E 8 0.59 -34.44 -47.80
N ASP E 9 1.74 -35.03 -48.13
CA ASP E 9 2.52 -35.78 -47.17
C ASP E 9 3.35 -34.83 -46.32
N ALA E 10 4.06 -35.40 -45.34
CA ALA E 10 4.80 -34.60 -44.38
C ALA E 10 5.75 -33.63 -45.07
N ARG E 11 6.49 -34.10 -46.07
CA ARG E 11 7.44 -33.23 -46.76
C ARG E 11 6.71 -32.11 -47.48
N ARG E 12 5.67 -32.45 -48.25
CA ARG E 12 4.94 -31.41 -48.98
C ARG E 12 4.39 -30.35 -48.02
N GLN E 13 3.99 -30.76 -46.82
CA GLN E 13 3.42 -29.80 -45.87
C GLN E 13 4.46 -28.78 -45.44
N ALA E 14 5.72 -29.19 -45.29
CA ALA E 14 6.78 -28.24 -44.98
C ALA E 14 6.97 -27.24 -46.12
N GLN E 15 6.97 -27.73 -47.36
CA GLN E 15 7.07 -26.84 -48.51
C GLN E 15 5.90 -25.86 -48.54
N LEU E 16 4.69 -26.37 -48.35
CA LEU E 16 3.52 -25.50 -48.32
C LEU E 16 3.61 -24.50 -47.17
N ARG E 17 4.18 -24.91 -46.04
CA ARG E 17 4.36 -23.99 -44.93
C ARG E 17 5.35 -22.89 -45.30
N HIS E 18 6.45 -23.25 -45.96
CA HIS E 18 7.43 -22.26 -46.37
C HIS E 18 6.86 -21.32 -47.43
N LEU E 19 6.09 -21.86 -48.36
CA LEU E 19 5.45 -21.01 -49.36
C LEU E 19 4.53 -19.99 -48.68
N LEU E 20 3.76 -20.44 -47.68
CA LEU E 20 2.88 -19.52 -46.96
C LEU E 20 3.68 -18.39 -46.33
N LEU E 21 4.82 -18.71 -45.73
CA LEU E 21 5.60 -17.69 -45.02
C LEU E 21 6.32 -16.78 -46.01
N GLN E 22 6.93 -17.34 -47.05
CA GLN E 22 7.80 -16.55 -47.92
C GLN E 22 7.00 -15.77 -48.94
N ASP E 23 6.03 -16.41 -49.59
CA ASP E 23 5.29 -15.79 -50.69
C ASP E 23 3.92 -15.26 -50.24
N CYS E 24 3.07 -16.13 -49.67
CA CYS E 24 1.78 -15.64 -49.20
C CYS E 24 1.94 -14.61 -48.10
N GLY E 25 2.89 -14.83 -47.19
CA GLY E 25 3.10 -13.92 -46.08
C GLY E 25 3.54 -12.53 -46.48
N SER E 26 4.00 -12.35 -47.72
CA SER E 26 4.38 -11.03 -48.18
C SER E 26 3.19 -10.09 -48.27
N CYS E 27 2.01 -10.62 -48.59
CA CYS E 27 0.80 -9.83 -48.73
C CYS E 27 -0.20 -10.04 -47.60
N HIS E 28 -0.19 -11.20 -46.94
CA HIS E 28 -1.21 -11.56 -45.97
C HIS E 28 -0.62 -11.63 -44.56
N GLY E 29 -1.39 -11.15 -43.59
CA GLY E 29 -1.02 -11.31 -42.19
C GLY E 29 -1.47 -12.67 -41.69
N LEU E 30 -0.58 -13.37 -40.99
CA LEU E 30 -0.84 -14.73 -40.57
C LEU E 30 -0.96 -14.91 -39.07
N ARG E 31 -0.49 -13.96 -38.27
CA ARG E 31 -0.35 -14.18 -36.84
C ARG E 31 -1.61 -13.74 -36.10
N LEU E 32 -2.13 -14.65 -35.27
CA LEU E 32 -3.27 -14.35 -34.42
C LEU E 32 -3.03 -13.06 -33.66
N THR E 33 -4.02 -12.17 -33.67
CA THR E 33 -3.90 -10.88 -33.01
C THR E 33 -3.46 -11.05 -31.56
N GLY E 34 -2.28 -10.51 -31.24
CA GLY E 34 -1.75 -10.60 -29.90
C GLY E 34 -2.01 -9.36 -29.06
N GLY E 35 -3.16 -8.74 -29.26
CA GLY E 35 -3.54 -7.57 -28.48
C GLY E 35 -4.16 -6.50 -29.36
N LEU E 36 -4.84 -5.56 -28.72
CA LEU E 36 -5.51 -4.45 -29.41
C LEU E 36 -4.66 -3.21 -29.22
N GLY E 37 -3.98 -2.78 -30.28
CA GLY E 37 -3.14 -1.61 -30.24
C GLY E 37 -3.61 -0.52 -31.19
N PRO E 38 -2.95 0.64 -31.12
CA PRO E 38 -3.39 1.77 -31.96
C PRO E 38 -3.21 1.47 -33.44
N ALA E 39 -3.92 2.24 -34.25
CA ALA E 39 -3.78 2.15 -35.70
C ALA E 39 -2.53 2.90 -36.14
N LEU E 40 -1.67 2.21 -36.89
CA LEU E 40 -0.47 2.82 -37.47
C LEU E 40 -0.70 3.23 -38.92
N THR E 41 -1.86 3.82 -39.19
CA THR E 41 -2.19 4.33 -40.51
C THR E 41 -1.54 5.69 -40.71
N PRO E 42 -1.35 6.12 -41.95
CA PRO E 42 -0.93 7.52 -42.18
C PRO E 42 -1.91 8.50 -41.59
N GLU E 43 -3.20 8.16 -41.54
CA GLU E 43 -4.19 9.05 -40.94
C GLU E 43 -3.99 9.18 -39.43
N ALA E 44 -3.68 8.06 -38.77
CA ALA E 44 -3.56 8.05 -37.31
C ALA E 44 -2.27 8.71 -36.84
N LEU E 45 -1.23 8.67 -37.67
CA LEU E 45 0.07 9.26 -37.34
C LEU E 45 0.28 10.57 -38.11
N ARG E 46 -0.79 11.30 -38.38
CA ARG E 46 -0.73 12.43 -39.29
C ARG E 46 0.21 13.52 -38.77
N GLY E 47 0.21 13.77 -37.47
CA GLY E 47 0.97 14.87 -36.91
C GLY E 47 1.89 14.50 -35.76
N LYS E 48 2.11 13.21 -35.55
CA LYS E 48 2.98 12.77 -34.45
C LYS E 48 4.43 12.79 -34.93
N PRO E 49 5.36 13.36 -34.16
CA PRO E 49 6.72 13.57 -34.67
C PRO E 49 7.50 12.28 -34.82
N ARG E 50 8.30 12.22 -35.90
CA ARG E 50 9.00 11.00 -36.27
C ARG E 50 9.87 10.47 -35.14
N GLU E 51 10.74 11.33 -34.59
CA GLU E 51 11.71 10.83 -33.61
C GLU E 51 11.02 10.31 -32.36
N SER E 52 9.85 10.83 -32.03
CA SER E 52 9.09 10.29 -30.90
C SER E 52 8.56 8.90 -31.22
N LEU E 53 8.13 8.67 -32.46
CA LEU E 53 7.66 7.36 -32.88
C LEU E 53 8.79 6.34 -32.86
N VAL E 54 9.97 6.72 -33.34
CA VAL E 54 11.11 5.80 -33.34
C VAL E 54 11.50 5.41 -31.92
N ALA E 55 11.38 6.34 -30.98
CA ALA E 55 11.65 6.00 -29.58
C ALA E 55 10.69 4.92 -29.10
N THR E 56 9.40 5.11 -29.35
CA THR E 56 8.41 4.12 -28.95
C THR E 56 8.72 2.74 -29.52
N VAL E 57 9.40 2.68 -30.67
CA VAL E 57 9.75 1.39 -31.24
C VAL E 57 10.99 0.82 -30.55
N LEU E 58 11.98 1.65 -30.26
CA LEU E 58 13.22 1.16 -29.66
C LEU E 58 13.03 0.83 -28.18
N MET E 59 12.38 1.72 -27.44
CA MET E 59 12.22 1.58 -26.00
C MET E 59 10.81 1.20 -25.58
N GLY E 60 9.87 1.11 -26.52
CA GLY E 60 8.53 0.68 -26.18
C GLY E 60 7.82 1.66 -25.26
N ARG E 61 6.88 1.14 -24.49
CA ARG E 61 6.19 1.90 -23.45
C ARG E 61 6.03 0.99 -22.25
N PRO E 62 6.85 1.17 -21.20
CA PRO E 62 6.78 0.28 -20.05
C PRO E 62 5.38 0.15 -19.47
N GLN E 63 5.09 -1.02 -18.91
CA GLN E 63 3.78 -1.35 -18.35
C GLN E 63 2.67 -1.22 -19.39
N THR E 64 2.98 -1.49 -20.66
CA THR E 64 1.96 -1.62 -21.70
C THR E 64 2.38 -2.76 -22.63
N PRO E 65 1.52 -3.20 -23.55
CA PRO E 65 1.88 -4.33 -24.42
C PRO E 65 2.91 -3.98 -25.48
N MET E 66 3.08 -2.71 -25.85
CA MET E 66 4.06 -2.34 -26.86
C MET E 66 5.46 -2.68 -26.36
N PRO E 67 6.14 -3.65 -26.97
CA PRO E 67 7.44 -4.08 -26.45
C PRO E 67 8.57 -3.27 -27.05
N PRO E 68 9.74 -3.28 -26.41
CA PRO E 68 10.91 -2.60 -26.97
C PRO E 68 11.64 -3.52 -27.96
N TRP E 69 11.96 -2.98 -29.13
CA TRP E 69 12.60 -3.74 -30.20
C TRP E 69 14.08 -3.41 -30.37
N ALA E 70 14.67 -2.67 -29.42
CA ALA E 70 16.06 -2.26 -29.56
C ALA E 70 16.99 -3.46 -29.70
N GLY E 71 16.74 -4.53 -28.94
CA GLY E 71 17.57 -5.71 -29.05
C GLY E 71 17.66 -6.23 -30.47
N LEU E 72 16.57 -6.12 -31.22
CA LEU E 72 16.52 -6.63 -32.59
C LEU E 72 16.71 -5.56 -33.65
N LEU E 73 16.26 -4.34 -33.41
CA LEU E 73 16.20 -3.31 -34.43
C LEU E 73 17.18 -2.18 -34.11
N SER E 74 17.98 -1.80 -35.10
CA SER E 74 18.82 -0.63 -34.99
C SER E 74 17.94 0.62 -34.98
N ALA E 75 18.59 1.78 -34.74
CA ALA E 75 17.86 3.03 -34.85
C ALA E 75 17.44 3.29 -36.29
N ASP E 76 18.29 2.91 -37.24
CA ASP E 76 17.93 3.03 -38.65
C ASP E 76 16.82 2.06 -39.02
N ASP E 77 16.82 0.87 -38.43
CA ASP E 77 15.71 -0.06 -38.66
C ASP E 77 14.40 0.53 -38.17
N ALA E 78 14.40 1.09 -36.96
CA ALA E 78 13.18 1.69 -36.44
C ALA E 78 12.75 2.89 -37.27
N GLY E 79 13.70 3.72 -37.68
CA GLY E 79 13.37 4.86 -38.51
C GLY E 79 12.76 4.47 -39.84
N TRP E 80 13.33 3.44 -40.48
CA TRP E 80 12.79 2.96 -41.74
C TRP E 80 11.33 2.52 -41.57
N LEU E 81 11.08 1.62 -40.62
CA LEU E 81 9.72 1.17 -40.38
C LEU E 81 8.77 2.35 -40.21
N VAL E 82 9.15 3.32 -39.38
CA VAL E 82 8.29 4.47 -39.11
C VAL E 82 7.98 5.22 -40.39
N ASP E 83 8.99 5.39 -41.25
CA ASP E 83 8.78 6.06 -42.52
C ASP E 83 7.72 5.35 -43.35
N ARG E 84 7.85 4.02 -43.50
CA ARG E 84 6.86 3.29 -44.29
C ARG E 84 5.46 3.44 -43.69
N LEU E 85 5.35 3.41 -42.36
CA LEU E 85 4.04 3.57 -41.74
C LEU E 85 3.48 4.96 -41.99
N ILE E 86 4.34 5.97 -42.02
CA ILE E 86 3.90 7.34 -42.23
C ILE E 86 3.40 7.54 -43.66
N GLU E 87 4.02 6.85 -44.63
CA GLU E 87 3.65 6.97 -46.03
C GLU E 87 2.54 6.00 -46.44
N GLY E 88 2.36 4.91 -45.69
CA GLY E 88 1.45 3.86 -46.10
C GLY E 88 2.05 2.83 -47.03
N GLU E 89 3.36 2.84 -47.24
CA GLU E 89 4.01 1.96 -48.21
C GLU E 89 4.52 0.69 -47.54
N ILE E 90 3.57 -0.08 -47.02
CA ILE E 90 3.90 -1.31 -46.29
C ILE E 90 4.07 -2.50 -47.21
N ALA E 91 3.51 -2.47 -48.42
CA ALA E 91 3.52 -3.59 -49.36
C ALA E 91 4.93 -4.01 -49.71
N PRO E 92 5.11 -5.18 -50.35
CA PRO E 92 6.45 -5.69 -50.70
C PRO E 92 7.06 -5.01 -51.93
N PRO F 8 -10.48 -16.60 -7.51
CA PRO F 8 -11.37 -15.87 -8.42
C PRO F 8 -10.91 -14.49 -8.83
N ASP F 9 -11.62 -13.95 -9.81
CA ASP F 9 -11.34 -12.64 -10.37
C ASP F 9 -11.74 -11.54 -9.39
N ALA F 10 -11.10 -10.36 -9.56
CA ALA F 10 -11.35 -9.26 -8.63
C ALA F 10 -12.81 -8.83 -8.64
N ARG F 11 -13.41 -8.74 -9.83
CA ARG F 11 -14.84 -8.47 -9.91
C ARG F 11 -15.65 -9.59 -9.26
N ARG F 12 -15.16 -10.83 -9.36
CA ARG F 12 -15.86 -11.95 -8.74
C ARG F 12 -15.73 -11.90 -7.22
N GLN F 13 -14.55 -11.53 -6.71
CA GLN F 13 -14.35 -11.49 -5.26
C GLN F 13 -15.34 -10.54 -4.59
N ALA F 14 -15.61 -9.40 -5.22
CA ALA F 14 -16.60 -8.47 -4.67
C ALA F 14 -17.99 -9.08 -4.71
N GLN F 15 -18.31 -9.83 -5.77
CA GLN F 15 -19.59 -10.53 -5.83
C GLN F 15 -19.69 -11.55 -4.69
N LEU F 16 -18.67 -12.37 -4.52
CA LEU F 16 -18.68 -13.36 -3.44
C LEU F 16 -18.74 -12.70 -2.08
N ARG F 17 -17.99 -11.61 -1.90
CA ARG F 17 -17.96 -10.94 -0.60
C ARG F 17 -19.33 -10.32 -0.28
N HIS F 18 -20.01 -9.79 -1.29
CA HIS F 18 -21.35 -9.24 -1.08
C HIS F 18 -22.34 -10.33 -0.70
N LEU F 19 -22.29 -11.47 -1.39
CA LEU F 19 -23.14 -12.60 -1.02
C LEU F 19 -22.86 -13.07 0.39
N LEU F 20 -21.57 -13.17 0.76
CA LEU F 20 -21.21 -13.65 2.09
C LEU F 20 -21.92 -12.86 3.18
N LEU F 21 -21.97 -11.55 3.04
CA LEU F 21 -22.53 -10.70 4.10
C LEU F 21 -24.05 -10.81 4.14
N GLN F 22 -24.70 -10.68 2.98
CA GLN F 22 -26.15 -10.52 2.95
C GLN F 22 -26.85 -11.87 3.03
N ASP F 23 -26.43 -12.83 2.21
CA ASP F 23 -27.15 -14.10 2.13
C ASP F 23 -26.65 -15.12 3.15
N CYS F 24 -25.35 -15.14 3.43
CA CYS F 24 -24.84 -16.04 4.47
C CYS F 24 -24.97 -15.40 5.85
N GLY F 25 -24.74 -14.09 5.94
CA GLY F 25 -24.74 -13.42 7.23
C GLY F 25 -26.08 -13.47 7.94
N SER F 26 -27.16 -13.61 7.19
CA SER F 26 -28.49 -13.65 7.82
C SER F 26 -28.57 -14.74 8.87
N CYS F 27 -28.33 -15.98 8.47
CA CYS F 27 -28.40 -17.09 9.42
C CYS F 27 -27.16 -17.14 10.31
N HIS F 28 -25.98 -16.89 9.74
CA HIS F 28 -24.73 -17.02 10.47
C HIS F 28 -24.31 -15.74 11.18
N GLY F 29 -25.04 -14.64 10.99
CA GLY F 29 -24.81 -13.43 11.75
C GLY F 29 -23.68 -12.58 11.21
N LEU F 30 -23.71 -11.31 11.61
CA LEU F 30 -22.63 -10.36 11.35
C LEU F 30 -22.35 -9.60 12.63
N ARG F 31 -21.07 -9.47 12.97
CA ARG F 31 -20.67 -8.73 14.16
C ARG F 31 -19.30 -8.12 13.92
N LEU F 32 -19.10 -6.92 14.45
CA LEU F 32 -17.80 -6.25 14.40
C LEU F 32 -17.09 -6.57 15.72
N THR F 33 -16.34 -7.67 15.72
CA THR F 33 -15.73 -8.20 16.94
C THR F 33 -14.44 -7.47 17.31
N GLY F 34 -13.98 -6.54 16.50
CA GLY F 34 -12.78 -5.78 16.82
C GLY F 34 -11.51 -6.40 16.30
N GLY F 35 -10.66 -5.58 15.69
CA GLY F 35 -9.35 -6.01 15.25
C GLY F 35 -8.31 -4.99 15.65
N LEU F 36 -7.72 -4.30 14.67
CA LEU F 36 -6.91 -3.13 15.00
C LEU F 36 -7.71 -2.14 15.82
N GLY F 37 -8.99 -1.96 15.48
CA GLY F 37 -9.87 -1.11 16.21
C GLY F 37 -10.69 -1.91 17.21
N PRO F 38 -11.34 -1.21 18.14
CA PRO F 38 -12.14 -1.90 19.15
C PRO F 38 -13.42 -2.47 18.58
N ALA F 39 -14.00 -3.39 19.34
CA ALA F 39 -15.28 -3.98 18.93
C ALA F 39 -16.35 -2.91 18.85
N LEU F 40 -17.24 -3.05 17.88
CA LEU F 40 -18.39 -2.18 17.72
C LEU F 40 -19.68 -2.98 17.88
N THR F 41 -19.66 -3.93 18.81
CA THR F 41 -20.83 -4.74 19.12
C THR F 41 -21.73 -4.02 20.10
N PRO F 42 -22.99 -4.44 20.22
CA PRO F 42 -23.85 -3.84 21.25
C PRO F 42 -23.30 -4.01 22.65
N GLU F 43 -22.64 -5.15 22.91
CA GLU F 43 -22.07 -5.39 24.23
C GLU F 43 -20.96 -4.39 24.53
N ALA F 44 -20.15 -4.04 23.53
CA ALA F 44 -18.98 -3.20 23.75
C ALA F 44 -19.30 -1.71 23.80
N LEU F 45 -20.43 -1.29 23.22
CA LEU F 45 -20.83 0.11 23.22
C LEU F 45 -21.93 0.40 24.23
N ARG F 46 -22.06 -0.47 25.24
CA ARG F 46 -23.22 -0.45 26.11
C ARG F 46 -23.34 0.86 26.89
N GLY F 47 -22.28 1.24 27.60
CA GLY F 47 -22.32 2.39 28.47
C GLY F 47 -21.89 3.69 27.85
N LYS F 48 -21.80 3.78 26.53
CA LYS F 48 -21.22 4.96 25.92
C LYS F 48 -22.31 5.89 25.40
N PRO F 49 -22.18 7.20 25.60
CA PRO F 49 -23.20 8.12 25.07
C PRO F 49 -23.21 8.09 23.56
N ARG F 50 -24.42 8.10 22.99
CA ARG F 50 -24.58 8.12 21.56
C ARG F 50 -23.75 9.22 20.91
N GLU F 51 -23.86 10.44 21.44
CA GLU F 51 -23.20 11.58 20.81
C GLU F 51 -21.69 11.44 20.83
N SER F 52 -21.14 10.78 21.85
CA SER F 52 -19.69 10.59 21.90
C SER F 52 -19.22 9.70 20.76
N LEU F 53 -19.94 8.60 20.51
CA LEU F 53 -19.58 7.71 19.43
C LEU F 53 -19.71 8.39 18.08
N VAL F 54 -20.77 9.17 17.89
CA VAL F 54 -20.94 9.88 16.62
C VAL F 54 -19.79 10.86 16.40
N ALA F 55 -19.31 11.48 17.48
CA ALA F 55 -18.19 12.40 17.36
C ALA F 55 -16.94 11.69 16.89
N THR F 56 -16.65 10.52 17.47
CA THR F 56 -15.45 9.77 17.08
C THR F 56 -15.50 9.41 15.60
N VAL F 57 -16.70 9.10 15.09
CA VAL F 57 -16.84 8.76 13.68
C VAL F 57 -16.51 9.97 12.80
N LEU F 58 -17.13 11.12 13.12
CA LEU F 58 -17.01 12.28 12.24
C LEU F 58 -15.62 12.88 12.27
N MET F 59 -14.97 12.88 13.44
CA MET F 59 -13.70 13.56 13.62
C MET F 59 -12.56 12.64 14.02
N GLY F 60 -12.80 11.33 14.14
CA GLY F 60 -11.74 10.39 14.40
C GLY F 60 -11.09 10.58 15.78
N ARG F 61 -10.01 9.84 15.96
CA ARG F 61 -9.17 9.94 17.16
C ARG F 61 -7.76 10.29 16.72
N PRO F 62 -7.26 11.50 16.98
CA PRO F 62 -5.95 11.86 16.44
C PRO F 62 -4.83 11.06 17.08
N GLN F 63 -3.75 10.90 16.33
CA GLN F 63 -2.62 10.06 16.73
C GLN F 63 -3.01 8.59 16.84
N THR F 64 -4.07 8.18 16.14
CA THR F 64 -4.48 6.79 16.04
C THR F 64 -4.92 6.50 14.60
N PRO F 65 -5.06 5.22 14.22
CA PRO F 65 -5.48 4.90 12.85
C PRO F 65 -6.95 5.17 12.56
N MET F 66 -7.76 5.54 13.55
CA MET F 66 -9.18 5.77 13.30
C MET F 66 -9.37 7.09 12.56
N PRO F 67 -9.69 7.07 11.27
CA PRO F 67 -9.74 8.32 10.50
C PRO F 67 -11.05 9.06 10.73
N PRO F 68 -11.09 10.36 10.43
CA PRO F 68 -12.36 11.09 10.49
C PRO F 68 -13.15 10.89 9.22
N TRP F 69 -14.47 10.79 9.37
CA TRP F 69 -15.36 10.48 8.25
C TRP F 69 -16.32 11.61 7.92
N ALA F 70 -16.11 12.80 8.49
CA ALA F 70 -16.95 13.94 8.15
C ALA F 70 -16.94 14.21 6.65
N GLY F 71 -15.79 14.03 6.01
CA GLY F 71 -15.70 14.27 4.58
C GLY F 71 -16.73 13.51 3.77
N LEU F 72 -17.13 12.32 4.25
CA LEU F 72 -18.12 11.52 3.57
C LEU F 72 -19.49 11.53 4.25
N LEU F 73 -19.56 11.84 5.54
CA LEU F 73 -20.76 11.62 6.32
C LEU F 73 -21.23 12.91 6.99
N SER F 74 -22.53 13.14 6.94
CA SER F 74 -23.17 14.17 7.75
C SER F 74 -23.40 13.63 9.16
N ALA F 75 -23.82 14.53 10.05
CA ALA F 75 -24.13 14.10 11.41
C ALA F 75 -25.32 13.16 11.45
N ASP F 76 -26.24 13.29 10.49
CA ASP F 76 -27.35 12.34 10.39
C ASP F 76 -26.86 10.98 9.93
N ASP F 77 -26.02 10.95 8.90
CA ASP F 77 -25.45 9.69 8.45
C ASP F 77 -24.69 9.00 9.57
N ALA F 78 -23.77 9.71 10.21
CA ALA F 78 -23.01 9.12 11.31
C ALA F 78 -23.92 8.71 12.45
N GLY F 79 -24.94 9.53 12.74
CA GLY F 79 -25.90 9.15 13.76
C GLY F 79 -26.64 7.89 13.41
N TRP F 80 -26.98 7.72 12.13
CA TRP F 80 -27.67 6.52 11.69
C TRP F 80 -26.80 5.28 11.92
N LEU F 81 -25.54 5.34 11.47
CA LEU F 81 -24.65 4.20 11.64
C LEU F 81 -24.47 3.84 13.11
N VAL F 82 -24.22 4.85 13.95
CA VAL F 82 -24.03 4.59 15.38
C VAL F 82 -25.27 3.92 15.95
N ASP F 83 -26.45 4.37 15.54
CA ASP F 83 -27.69 3.75 16.03
C ASP F 83 -27.77 2.30 15.60
N ARG F 84 -27.33 1.98 14.37
CA ARG F 84 -27.31 0.58 13.95
C ARG F 84 -26.34 -0.23 14.82
N LEU F 85 -25.16 0.33 15.08
CA LEU F 85 -24.18 -0.39 15.89
C LEU F 85 -24.70 -0.66 17.28
N ILE F 86 -25.45 0.29 17.85
CA ILE F 86 -25.90 0.17 19.23
C ILE F 86 -26.91 -0.96 19.36
N GLU F 87 -27.86 -1.06 18.43
CA GLU F 87 -28.82 -2.16 18.48
C GLU F 87 -28.30 -3.41 17.77
N GLY F 88 -27.26 -3.28 16.95
CA GLY F 88 -26.66 -4.45 16.33
C GLY F 88 -27.33 -4.92 15.08
N GLU F 89 -28.10 -4.07 14.41
CA GLU F 89 -28.79 -4.43 13.17
C GLU F 89 -27.98 -3.94 11.97
N ILE F 90 -26.78 -4.51 11.83
CA ILE F 90 -25.87 -4.13 10.75
C ILE F 90 -26.06 -5.01 9.52
N ALA F 91 -26.85 -6.08 9.60
CA ALA F 91 -27.04 -6.95 8.46
C ALA F 91 -27.80 -6.24 7.36
N PRO F 92 -27.38 -6.33 6.09
CA PRO F 92 -28.12 -5.70 5.00
C PRO F 92 -29.27 -6.56 4.49
N PRO G 8 21.29 -7.45 0.48
CA PRO G 8 20.40 -6.83 -0.50
C PRO G 8 21.02 -5.60 -1.17
N ASP G 9 21.08 -5.61 -2.49
CA ASP G 9 21.65 -4.50 -3.25
C ASP G 9 21.03 -3.18 -2.83
N ALA G 10 21.80 -2.10 -3.01
CA ALA G 10 21.24 -0.76 -2.81
C ALA G 10 19.97 -0.59 -3.63
N ARG G 11 20.02 -0.92 -4.92
CA ARG G 11 18.82 -0.83 -5.75
C ARG G 11 17.72 -1.73 -5.21
N ARG G 12 18.08 -2.95 -4.79
CA ARG G 12 17.07 -3.84 -4.21
C ARG G 12 16.40 -3.20 -3.00
N GLN G 13 17.17 -2.49 -2.18
CA GLN G 13 16.59 -1.83 -1.02
C GLN G 13 15.50 -0.85 -1.44
N ALA G 14 15.74 -0.09 -2.51
CA ALA G 14 14.73 0.85 -2.99
C ALA G 14 13.49 0.11 -3.45
N GLN G 15 13.65 -1.04 -4.08
CA GLN G 15 12.51 -1.85 -4.48
C GLN G 15 11.78 -2.39 -3.25
N LEU G 16 12.53 -2.90 -2.28
CA LEU G 16 11.93 -3.40 -1.06
C LEU G 16 11.12 -2.31 -0.36
N ARG G 17 11.65 -1.09 -0.32
CA ARG G 17 10.92 0.01 0.30
C ARG G 17 9.61 0.29 -0.42
N HIS G 18 9.66 0.33 -1.76
CA HIS G 18 8.43 0.54 -2.53
C HIS G 18 7.44 -0.59 -2.27
N LEU G 19 7.93 -1.83 -2.25
CA LEU G 19 7.06 -2.97 -1.97
C LEU G 19 6.40 -2.83 -0.61
N LEU G 20 7.17 -2.43 0.40
CA LEU G 20 6.64 -2.37 1.76
C LEU G 20 5.42 -1.46 1.83
N LEU G 21 5.48 -0.29 1.21
CA LEU G 21 4.37 0.64 1.31
C LEU G 21 3.26 0.31 0.31
N GLN G 22 3.63 -0.08 -0.91
CA GLN G 22 2.62 -0.30 -1.94
C GLN G 22 1.82 -1.57 -1.68
N ASP G 23 2.51 -2.68 -1.39
CA ASP G 23 1.88 -3.99 -1.27
C ASP G 23 1.66 -4.42 0.18
N CYS G 24 2.70 -4.39 1.01
CA CYS G 24 2.52 -4.73 2.42
C CYS G 24 1.62 -3.72 3.10
N GLY G 25 1.72 -2.45 2.72
CA GLY G 25 0.95 -1.41 3.38
C GLY G 25 -0.55 -1.51 3.17
N SER G 26 -0.99 -2.24 2.15
CA SER G 26 -2.41 -2.38 1.89
C SER G 26 -3.10 -3.14 3.02
N CYS G 27 -2.40 -4.08 3.66
CA CYS G 27 -2.92 -4.82 4.79
C CYS G 27 -2.41 -4.31 6.12
N HIS G 28 -1.20 -3.79 6.17
CA HIS G 28 -0.59 -3.31 7.40
C HIS G 28 -0.66 -1.80 7.56
N GLY G 29 -1.30 -1.10 6.64
CA GLY G 29 -1.39 0.34 6.71
C GLY G 29 -0.39 1.03 5.83
N LEU G 30 -0.89 2.00 5.05
CA LEU G 30 -0.01 2.84 4.23
C LEU G 30 1.09 3.45 5.08
N ARG G 31 0.82 3.70 6.36
CA ARG G 31 1.82 4.21 7.30
C ARG G 31 2.23 3.13 8.30
N LEU G 32 1.95 1.87 8.00
CA LEU G 32 2.39 0.72 8.79
C LEU G 32 1.85 0.74 10.22
N THR G 33 0.83 1.57 10.49
CA THR G 33 0.21 1.62 11.80
C THR G 33 -0.90 0.59 11.96
N GLY G 34 -1.20 -0.19 10.93
CA GLY G 34 -2.15 -1.26 11.01
C GLY G 34 -3.24 -1.16 9.97
N GLY G 35 -3.99 -2.25 9.84
CA GLY G 35 -5.09 -2.37 8.91
C GLY G 35 -5.77 -3.70 9.08
N LEU G 36 -5.80 -4.52 8.01
CA LEU G 36 -6.20 -5.90 8.18
C LEU G 36 -5.19 -6.66 9.02
N GLY G 37 -3.90 -6.37 8.84
CA GLY G 37 -2.86 -6.93 9.66
C GLY G 37 -2.39 -5.95 10.72
N PRO G 38 -1.49 -6.38 11.58
CA PRO G 38 -1.05 -5.53 12.70
C PRO G 38 -0.11 -4.43 12.22
N ALA G 39 0.19 -3.52 13.15
CA ALA G 39 1.16 -2.47 12.89
C ALA G 39 2.56 -3.06 12.84
N LEU G 40 3.39 -2.53 11.94
CA LEU G 40 4.78 -2.95 11.81
C LEU G 40 5.73 -1.85 12.28
N THR G 41 5.28 -1.06 13.25
CA THR G 41 6.05 0.02 13.85
C THR G 41 7.01 -0.54 14.89
N PRO G 42 8.06 0.20 15.25
CA PRO G 42 8.99 -0.31 16.28
C PRO G 42 8.29 -0.77 17.55
N GLU G 43 7.26 -0.03 17.98
CA GLU G 43 6.60 -0.35 19.23
C GLU G 43 5.90 -1.70 19.18
N ALA G 44 5.19 -1.98 18.08
CA ALA G 44 4.43 -3.21 17.98
C ALA G 44 5.31 -4.44 17.82
N LEU G 45 6.55 -4.28 17.36
CA LEU G 45 7.47 -5.38 17.13
C LEU G 45 8.58 -5.44 18.18
N ARG G 46 8.38 -4.81 19.33
CA ARG G 46 9.49 -4.57 20.26
C ARG G 46 10.10 -5.87 20.73
N GLY G 47 9.30 -6.74 21.33
CA GLY G 47 9.81 -7.94 21.97
C GLY G 47 9.79 -9.20 21.13
N LYS G 48 9.45 -9.11 19.85
CA LYS G 48 9.25 -10.32 19.06
C LYS G 48 10.56 -10.73 18.39
N PRO G 49 10.94 -12.00 18.45
CA PRO G 49 12.26 -12.40 17.95
C PRO G 49 12.39 -12.25 16.44
N ARG G 50 13.55 -11.76 16.02
CA ARG G 50 13.77 -11.42 14.62
C ARG G 50 13.54 -12.61 13.70
N GLU G 51 14.11 -13.77 14.03
CA GLU G 51 13.98 -14.93 13.16
C GLU G 51 12.52 -15.28 12.92
N SER G 52 11.66 -15.06 13.92
CA SER G 52 10.23 -15.35 13.75
C SER G 52 9.61 -14.40 12.74
N LEU G 53 9.91 -13.10 12.86
CA LEU G 53 9.35 -12.13 11.93
C LEU G 53 9.79 -12.43 10.49
N VAL G 54 11.08 -12.72 10.30
CA VAL G 54 11.58 -13.05 8.97
C VAL G 54 10.89 -14.30 8.46
N ALA G 55 10.67 -15.29 9.33
CA ALA G 55 9.98 -16.50 8.91
C ALA G 55 8.53 -16.20 8.54
N THR G 56 7.87 -15.35 9.31
CA THR G 56 6.50 -14.96 8.98
C THR G 56 6.44 -14.30 7.61
N VAL G 57 7.44 -13.47 7.29
CA VAL G 57 7.45 -12.79 6.00
C VAL G 57 7.61 -13.81 4.87
N LEU G 58 8.55 -14.75 5.04
CA LEU G 58 8.88 -15.68 3.97
C LEU G 58 7.82 -16.77 3.82
N MET G 59 7.35 -17.32 4.94
CA MET G 59 6.44 -18.45 4.93
C MET G 59 5.01 -18.08 5.26
N GLY G 60 4.75 -16.84 5.66
CA GLY G 60 3.41 -16.46 6.08
C GLY G 60 3.04 -17.12 7.38
N ARG G 61 1.91 -16.72 7.97
CA ARG G 61 1.36 -17.41 9.12
C ARG G 61 0.14 -18.18 8.66
N PRO G 62 0.13 -19.51 8.72
CA PRO G 62 -0.92 -20.28 8.04
C PRO G 62 -2.29 -20.06 8.67
N GLN G 63 -3.31 -20.17 7.82
CA GLN G 63 -4.71 -19.94 8.21
C GLN G 63 -4.90 -18.52 8.73
N THR G 64 -4.15 -17.58 8.18
CA THR G 64 -4.35 -16.15 8.39
C THR G 64 -4.20 -15.48 7.02
N PRO G 65 -4.64 -14.22 6.90
CA PRO G 65 -4.49 -13.52 5.61
C PRO G 65 -3.06 -13.13 5.26
N MET G 66 -2.06 -13.53 6.07
CA MET G 66 -0.67 -13.15 5.81
C MET G 66 -0.05 -14.17 4.88
N PRO G 67 0.25 -13.81 3.62
CA PRO G 67 0.73 -14.82 2.67
C PRO G 67 2.23 -15.01 2.80
N PRO G 68 2.77 -16.07 2.19
CA PRO G 68 4.23 -16.22 2.12
C PRO G 68 4.80 -15.41 0.98
N TRP G 69 5.91 -14.74 1.24
CA TRP G 69 6.61 -13.94 0.24
C TRP G 69 7.93 -14.57 -0.20
N ALA G 70 8.21 -15.80 0.24
CA ALA G 70 9.51 -16.39 -0.04
C ALA G 70 9.82 -16.37 -1.53
N GLY G 71 8.85 -16.70 -2.37
CA GLY G 71 9.06 -16.66 -3.81
C GLY G 71 9.63 -15.34 -4.29
N LEU G 72 8.89 -14.25 -4.03
CA LEU G 72 9.27 -12.95 -4.54
C LEU G 72 10.47 -12.35 -3.80
N LEU G 73 10.64 -12.70 -2.52
CA LEU G 73 11.64 -12.07 -1.68
C LEU G 73 12.68 -13.09 -1.24
N SER G 74 13.95 -12.67 -1.23
CA SER G 74 15.02 -13.47 -0.69
C SER G 74 14.94 -13.54 0.83
N ALA G 75 15.78 -14.38 1.43
CA ALA G 75 15.96 -14.34 2.88
C ALA G 75 16.67 -13.07 3.30
N ASP G 76 17.63 -12.60 2.50
CA ASP G 76 18.24 -11.30 2.75
C ASP G 76 17.20 -10.19 2.64
N ASP G 77 16.33 -10.27 1.64
CA ASP G 77 15.27 -9.27 1.49
C ASP G 77 14.39 -9.22 2.72
N ALA G 78 13.81 -10.36 3.08
CA ALA G 78 12.93 -10.40 4.25
C ALA G 78 13.67 -9.93 5.50
N GLY G 79 14.91 -10.41 5.69
CA GLY G 79 15.68 -9.97 6.84
C GLY G 79 15.90 -8.47 6.86
N TRP G 80 16.13 -7.88 5.68
CA TRP G 80 16.36 -6.44 5.60
C TRP G 80 15.09 -5.67 5.98
N LEU G 81 13.94 -6.06 5.42
CA LEU G 81 12.70 -5.39 5.75
C LEU G 81 12.44 -5.44 7.26
N VAL G 82 12.58 -6.63 7.86
CA VAL G 82 12.29 -6.75 9.29
C VAL G 82 13.20 -5.85 10.10
N ASP G 83 14.47 -5.72 9.71
CA ASP G 83 15.37 -4.83 10.41
C ASP G 83 14.89 -3.39 10.36
N ARG G 84 14.43 -2.95 9.18
CA ARG G 84 13.98 -1.57 9.04
C ARG G 84 12.73 -1.29 9.86
N LEU G 85 11.81 -2.25 9.90
CA LEU G 85 10.60 -2.08 10.70
C LEU G 85 10.92 -2.03 12.19
N ILE G 86 11.86 -2.88 12.62
CA ILE G 86 12.31 -2.86 14.01
C ILE G 86 13.03 -1.56 14.32
N GLU G 87 14.03 -1.22 13.50
CA GLU G 87 14.79 0.00 13.68
C GLU G 87 13.90 1.24 13.60
N GLY G 88 12.88 1.20 12.77
CA GLY G 88 12.03 2.36 12.56
C GLY G 88 12.55 3.30 11.51
N GLU G 89 13.30 2.81 10.52
CA GLU G 89 13.91 3.68 9.53
C GLU G 89 12.94 4.01 8.39
N ILE G 90 12.14 3.02 7.96
CA ILE G 90 11.40 3.11 6.71
C ILE G 90 10.02 3.74 6.89
N ALA G 91 9.64 4.10 8.10
CA ALA G 91 8.31 4.64 8.35
C ALA G 91 8.09 5.87 7.48
N PRO G 92 6.97 5.96 6.74
CA PRO G 92 6.68 7.13 5.89
C PRO G 92 5.91 8.21 6.62
N PRO H 8 -4.40 0.71 -8.48
CA PRO H 8 -4.63 0.46 -7.06
C PRO H 8 -5.76 -0.53 -6.83
N ASP H 9 -5.51 -1.59 -6.06
CA ASP H 9 -6.51 -2.61 -5.83
C ASP H 9 -7.41 -2.23 -4.65
N ALA H 10 -8.40 -3.07 -4.37
CA ALA H 10 -9.45 -2.72 -3.41
C ALA H 10 -8.87 -2.33 -2.05
N ARG H 11 -7.98 -3.17 -1.51
CA ARG H 11 -7.31 -2.81 -0.26
C ARG H 11 -6.59 -1.47 -0.40
N ARG H 12 -5.88 -1.28 -1.52
CA ARG H 12 -5.18 -0.03 -1.76
C ARG H 12 -6.14 1.15 -1.78
N GLN H 13 -7.31 0.97 -2.40
CA GLN H 13 -8.27 2.05 -2.47
C GLN H 13 -8.76 2.46 -1.08
N ALA H 14 -8.93 1.48 -0.18
CA ALA H 14 -9.32 1.81 1.18
C ALA H 14 -8.25 2.65 1.86
N GLN H 15 -6.98 2.28 1.70
CA GLN H 15 -5.89 3.07 2.26
C GLN H 15 -5.88 4.47 1.66
N LEU H 16 -6.08 4.59 0.35
CA LEU H 16 -6.08 5.90 -0.28
C LEU H 16 -7.28 6.72 0.18
N ARG H 17 -8.39 6.07 0.51
CA ARG H 17 -9.55 6.77 1.05
C ARG H 17 -9.23 7.30 2.46
N HIS H 18 -8.61 6.47 3.30
CA HIS H 18 -8.30 6.89 4.66
C HIS H 18 -7.32 8.06 4.65
N LEU H 19 -6.31 8.01 3.79
CA LEU H 19 -5.38 9.13 3.67
C LEU H 19 -6.11 10.38 3.23
N LEU H 20 -6.95 10.28 2.19
CA LEU H 20 -7.70 11.43 1.71
C LEU H 20 -8.45 12.12 2.83
N LEU H 21 -9.07 11.34 3.73
CA LEU H 21 -9.80 11.92 4.84
C LEU H 21 -8.87 12.42 5.93
N GLN H 22 -7.92 11.58 6.34
CA GLN H 22 -7.09 11.90 7.50
C GLN H 22 -6.16 13.08 7.20
N ASP H 23 -5.51 13.08 6.04
CA ASP H 23 -4.47 14.06 5.74
C ASP H 23 -4.93 15.14 4.78
N CYS H 24 -5.45 14.77 3.60
CA CYS H 24 -5.91 15.79 2.68
C CYS H 24 -7.07 16.58 3.27
N GLY H 25 -7.97 15.90 3.99
CA GLY H 25 -9.14 16.55 4.55
C GLY H 25 -8.83 17.63 5.56
N SER H 26 -7.63 17.60 6.16
CA SER H 26 -7.24 18.64 7.10
C SER H 26 -7.10 20.00 6.42
N CYS H 27 -6.86 20.02 5.11
CA CYS H 27 -6.69 21.26 4.36
C CYS H 27 -7.77 21.50 3.32
N HIS H 28 -8.40 20.44 2.78
CA HIS H 28 -9.31 20.55 1.65
C HIS H 28 -10.71 20.10 2.05
N GLY H 29 -11.72 20.75 1.47
CA GLY H 29 -13.09 20.29 1.62
C GLY H 29 -13.41 19.25 0.55
N LEU H 30 -14.08 18.17 0.98
CA LEU H 30 -14.36 17.04 0.08
C LEU H 30 -15.84 16.69 -0.03
N ARG H 31 -16.72 17.34 0.73
CA ARG H 31 -18.13 16.96 0.75
C ARG H 31 -18.86 17.64 -0.41
N LEU H 32 -19.65 16.87 -1.14
CA LEU H 32 -20.38 17.37 -2.29
C LEU H 32 -21.24 18.56 -1.91
N THR H 33 -21.12 19.66 -2.67
CA THR H 33 -21.84 20.89 -2.38
C THR H 33 -22.71 21.29 -3.58
N LEU H 36 -25.90 24.99 -0.11
CA LEU H 36 -27.21 25.24 0.49
C LEU H 36 -27.18 26.51 1.35
N GLY H 37 -26.32 26.52 2.38
CA GLY H 37 -26.29 27.62 3.34
C GLY H 37 -25.46 28.80 2.84
N PRO H 38 -25.34 29.81 3.71
CA PRO H 38 -24.68 31.06 3.32
C PRO H 38 -23.18 31.10 3.63
N ALA H 39 -22.51 32.06 2.98
CA ALA H 39 -21.09 32.26 3.20
C ALA H 39 -20.86 32.84 4.59
N LEU H 40 -19.76 32.42 5.23
CA LEU H 40 -19.54 32.66 6.65
C LEU H 40 -18.10 33.13 6.86
N THR H 41 -17.81 34.24 6.21
CA THR H 41 -16.50 34.89 6.24
C THR H 41 -16.48 35.96 7.33
N PRO H 42 -15.32 36.58 7.60
CA PRO H 42 -15.35 37.79 8.45
C PRO H 42 -16.27 38.86 7.90
N GLU H 43 -16.21 39.08 6.59
CA GLU H 43 -17.04 40.11 5.97
C GLU H 43 -18.52 39.81 6.12
N ALA H 44 -18.91 38.53 6.05
CA ALA H 44 -20.32 38.17 6.13
C ALA H 44 -20.87 38.41 7.52
N LEU H 45 -20.23 37.86 8.54
CA LEU H 45 -20.71 37.94 9.92
C LEU H 45 -19.90 38.95 10.73
N ARG H 46 -19.78 40.18 10.22
CA ARG H 46 -18.94 41.16 10.90
C ARG H 46 -19.56 41.64 12.21
N GLY H 47 -20.89 41.75 12.26
CA GLY H 47 -21.52 42.44 13.38
C GLY H 47 -22.51 41.65 14.22
N LYS H 48 -22.39 40.31 14.25
CA LYS H 48 -23.36 39.57 15.05
C LYS H 48 -22.84 39.31 16.46
N PRO H 49 -23.73 39.25 17.45
CA PRO H 49 -23.28 38.91 18.81
C PRO H 49 -22.65 37.52 18.86
N ARG H 50 -21.45 37.44 19.44
CA ARG H 50 -20.70 36.20 19.39
C ARG H 50 -21.35 35.11 20.24
N GLU H 51 -21.77 35.44 21.47
CA GLU H 51 -22.35 34.43 22.33
C GLU H 51 -23.64 33.86 21.76
N SER H 52 -24.33 34.61 20.90
CA SER H 52 -25.53 34.07 20.25
C SER H 52 -25.16 33.07 19.15
N LEU H 53 -24.11 33.38 18.38
CA LEU H 53 -23.69 32.45 17.32
C LEU H 53 -23.27 31.10 17.90
N VAL H 54 -22.69 31.09 19.11
CA VAL H 54 -22.36 29.83 19.76
C VAL H 54 -23.63 29.10 20.17
N ALA H 55 -24.64 29.84 20.66
CA ALA H 55 -25.90 29.22 21.03
C ALA H 55 -26.58 28.61 19.80
N THR H 56 -26.45 29.25 18.65
CA THR H 56 -27.02 28.70 17.41
C THR H 56 -26.37 27.37 17.06
N VAL H 57 -25.10 27.18 17.39
CA VAL H 57 -24.41 25.93 17.06
C VAL H 57 -24.85 24.82 17.99
N LEU H 58 -24.78 25.06 19.30
CA LEU H 58 -25.07 24.01 20.28
C LEU H 58 -26.55 23.65 20.25
N MET H 59 -27.41 24.63 20.47
CA MET H 59 -28.84 24.44 20.24
C MET H 59 -29.16 24.66 18.76
N GLY H 60 -30.36 24.24 18.36
CA GLY H 60 -30.74 24.33 16.97
C GLY H 60 -31.77 25.40 16.67
N ARG H 61 -31.41 26.36 15.80
CA ARG H 61 -32.34 27.41 15.41
C ARG H 61 -33.47 26.80 14.58
N PRO H 62 -34.74 27.12 14.87
CA PRO H 62 -35.83 26.46 14.13
C PRO H 62 -35.85 26.88 12.66
N GLN H 63 -36.33 25.97 11.82
CA GLN H 63 -36.40 26.18 10.38
C GLN H 63 -35.03 26.49 9.79
N THR H 64 -34.03 25.71 10.20
CA THR H 64 -32.65 25.89 9.76
C THR H 64 -32.09 24.53 9.36
N PRO H 65 -31.37 24.44 8.23
CA PRO H 65 -30.93 23.13 7.70
C PRO H 65 -29.73 22.51 8.39
N MET H 66 -29.23 23.08 9.49
CA MET H 66 -28.09 22.49 10.17
C MET H 66 -28.51 21.97 11.55
N PRO H 67 -28.03 20.80 11.97
CA PRO H 67 -28.52 20.20 13.22
C PRO H 67 -27.87 20.83 14.44
N PRO H 68 -28.36 20.52 15.64
CA PRO H 68 -27.71 20.99 16.88
C PRO H 68 -26.59 20.06 17.29
N TRP H 69 -25.44 20.63 17.65
CA TRP H 69 -24.25 19.87 17.99
C TRP H 69 -23.96 19.91 19.49
N ALA H 70 -25.02 19.95 20.31
CA ALA H 70 -24.80 20.15 21.75
C ALA H 70 -23.99 19.01 22.34
N GLY H 71 -24.40 17.76 22.07
CA GLY H 71 -23.66 16.62 22.59
C GLY H 71 -22.35 16.35 21.89
N LEU H 72 -22.21 16.80 20.65
CA LEU H 72 -21.01 16.51 19.87
C LEU H 72 -19.92 17.54 20.10
N LEU H 73 -20.30 18.81 20.25
CA LEU H 73 -19.34 19.90 20.44
C LEU H 73 -19.48 20.47 21.84
N SER H 74 -18.34 20.70 22.50
CA SER H 74 -18.33 21.42 23.76
C SER H 74 -18.62 22.90 23.53
N ALA H 75 -18.95 23.61 24.60
CA ALA H 75 -19.14 25.05 24.49
C ALA H 75 -17.84 25.74 24.09
N ASP H 76 -16.70 25.24 24.58
CA ASP H 76 -15.42 25.73 24.09
C ASP H 76 -15.21 25.35 22.63
N ASP H 77 -15.64 24.15 22.24
CA ASP H 77 -15.49 23.71 20.87
C ASP H 77 -16.27 24.61 19.92
N ALA H 78 -17.54 24.90 20.24
CA ALA H 78 -18.34 25.79 19.41
C ALA H 78 -17.73 27.19 19.39
N GLY H 79 -17.22 27.66 20.52
CA GLY H 79 -16.56 28.95 20.54
C GLY H 79 -15.34 28.98 19.63
N TRP H 80 -14.51 27.94 19.73
CA TRP H 80 -13.34 27.87 18.85
C TRP H 80 -13.75 27.92 17.38
N LEU H 81 -14.71 27.08 16.99
CA LEU H 81 -15.20 27.11 15.61
C LEU H 81 -15.69 28.50 15.23
N VAL H 82 -16.58 29.07 16.05
CA VAL H 82 -17.10 30.40 15.77
C VAL H 82 -15.96 31.42 15.75
N ASP H 83 -15.00 31.29 16.67
CA ASP H 83 -13.82 32.14 16.63
C ASP H 83 -13.15 32.10 15.26
N ARG H 84 -13.07 30.90 14.66
CA ARG H 84 -12.39 30.76 13.39
C ARG H 84 -13.28 31.18 12.22
N LEU H 85 -14.56 30.83 12.28
CA LEU H 85 -15.48 31.29 11.24
C LEU H 85 -15.59 32.81 11.22
N ILE H 86 -15.53 33.43 12.40
CA ILE H 86 -15.61 34.90 12.47
C ILE H 86 -14.35 35.52 11.88
N GLU H 87 -13.19 34.88 12.09
CA GLU H 87 -11.94 35.33 11.51
C GLU H 87 -11.56 34.56 10.24
N GLY H 88 -12.50 33.80 9.70
CA GLY H 88 -12.28 32.93 8.55
C GLY H 88 -11.22 33.38 7.57
N PRO I 8 36.98 -39.17 -21.79
CA PRO I 8 35.83 -38.43 -22.34
C PRO I 8 36.00 -36.93 -22.25
N ASP I 9 35.53 -36.20 -23.26
CA ASP I 9 35.67 -34.75 -23.26
C ASP I 9 34.56 -34.13 -22.41
N ALA I 10 34.58 -32.80 -22.31
CA ALA I 10 33.65 -32.11 -21.42
C ALA I 10 32.20 -32.39 -21.80
N ARG I 11 31.92 -32.48 -23.10
CA ARG I 11 30.55 -32.73 -23.55
C ARG I 11 30.07 -34.11 -23.09
N ARG I 12 30.90 -35.13 -23.25
CA ARG I 12 30.48 -36.48 -22.87
C ARG I 12 30.33 -36.62 -21.37
N GLN I 13 31.21 -35.98 -20.60
CA GLN I 13 31.15 -36.09 -19.14
C GLN I 13 29.80 -35.63 -18.61
N ALA I 14 29.24 -34.57 -19.20
CA ALA I 14 27.90 -34.15 -18.80
C ALA I 14 26.88 -35.24 -19.13
N GLN I 15 26.95 -35.79 -20.33
CA GLN I 15 26.07 -36.90 -20.70
C GLN I 15 26.22 -38.06 -19.72
N LEU I 16 27.46 -38.39 -19.34
CA LEU I 16 27.67 -39.48 -18.39
C LEU I 16 27.02 -39.18 -17.05
N ARG I 17 27.15 -37.95 -16.56
CA ARG I 17 26.56 -37.60 -15.27
C ARG I 17 25.05 -37.78 -15.30
N HIS I 18 24.40 -37.37 -16.39
CA HIS I 18 22.96 -37.58 -16.52
C HIS I 18 22.63 -39.07 -16.50
N LEU I 19 23.41 -39.86 -17.23
CA LEU I 19 23.20 -41.31 -17.23
C LEU I 19 23.37 -41.88 -15.83
N LEU I 20 24.40 -41.45 -15.11
CA LEU I 20 24.64 -41.96 -13.76
C LEU I 20 23.48 -41.65 -12.84
N LEU I 21 22.96 -40.42 -12.89
CA LEU I 21 21.88 -40.05 -11.99
C LEU I 21 20.54 -40.65 -12.41
N GLN I 22 20.32 -40.83 -13.70
CA GLN I 22 18.99 -41.22 -14.18
C GLN I 22 18.85 -42.73 -14.33
N ASP I 23 19.68 -43.35 -15.18
CA ASP I 23 19.59 -44.80 -15.36
C ASP I 23 20.20 -45.55 -14.18
N CYS I 24 21.50 -45.37 -13.95
CA CYS I 24 22.15 -46.02 -12.82
C CYS I 24 21.42 -45.68 -11.52
N GLY I 25 21.04 -44.42 -11.35
CA GLY I 25 20.40 -44.01 -10.10
C GLY I 25 19.05 -44.68 -9.89
N SER I 26 18.30 -44.86 -10.98
CA SER I 26 16.95 -45.44 -10.85
C SER I 26 17.01 -46.83 -10.24
N CYS I 27 18.04 -47.60 -10.58
CA CYS I 27 18.17 -48.99 -10.17
C CYS I 27 19.01 -49.14 -8.90
N HIS I 28 20.19 -48.52 -8.87
CA HIS I 28 21.02 -48.55 -7.67
C HIS I 28 20.49 -47.62 -6.58
N GLY I 29 19.55 -46.74 -6.90
CA GLY I 29 18.96 -45.87 -5.90
C GLY I 29 19.76 -44.61 -5.68
N LEU I 30 19.05 -43.57 -5.23
CA LEU I 30 19.67 -42.30 -4.89
C LEU I 30 19.30 -41.92 -3.45
N ARG I 31 20.26 -41.36 -2.74
CA ARG I 31 20.04 -40.93 -1.37
C ARG I 31 21.00 -39.78 -1.05
N LEU I 32 20.55 -38.86 -0.21
CA LEU I 32 21.38 -37.78 0.32
C LEU I 32 21.84 -38.25 1.70
N THR I 33 22.97 -38.96 1.74
CA THR I 33 23.42 -39.65 2.94
C THR I 33 24.27 -38.80 3.86
N GLY I 34 24.71 -37.63 3.43
CA GLY I 34 25.48 -36.75 4.27
C GLY I 34 26.90 -36.58 3.77
N GLY I 35 27.49 -35.44 4.15
CA GLY I 35 28.82 -35.06 3.75
C GLY I 35 29.23 -33.84 4.55
N LEU I 36 29.57 -32.73 3.88
CA LEU I 36 29.72 -31.47 4.60
C LEU I 36 28.49 -31.20 5.46
N GLY I 37 27.31 -31.22 4.84
CA GLY I 37 26.07 -31.09 5.56
C GLY I 37 25.50 -32.43 5.95
N PRO I 38 24.53 -32.44 6.86
CA PRO I 38 24.03 -33.71 7.39
C PRO I 38 23.25 -34.51 6.35
N ALA I 39 22.81 -35.70 6.74
CA ALA I 39 22.00 -36.54 5.87
C ALA I 39 20.58 -36.00 5.79
N LEU I 40 20.01 -36.06 4.60
CA LEU I 40 18.62 -35.66 4.38
C LEU I 40 17.79 -36.88 4.01
N THR I 41 17.94 -37.96 4.76
CA THR I 41 17.20 -39.19 4.52
C THR I 41 15.91 -39.17 5.32
N PRO I 42 14.97 -40.07 5.01
CA PRO I 42 13.78 -40.18 5.86
C PRO I 42 14.11 -40.55 7.29
N GLU I 43 15.14 -41.36 7.51
CA GLU I 43 15.51 -41.75 8.87
C GLU I 43 16.11 -40.57 9.64
N ALA I 44 16.86 -39.70 8.95
CA ALA I 44 17.50 -38.57 9.62
C ALA I 44 16.55 -37.41 9.88
N LEU I 45 15.47 -37.30 9.10
CA LEU I 45 14.51 -36.21 9.24
C LEU I 45 13.22 -36.65 9.94
N ARG I 46 13.15 -37.90 10.38
CA ARG I 46 11.89 -38.48 10.83
C ARG I 46 11.20 -37.64 11.90
N GLY I 47 11.97 -37.12 12.85
CA GLY I 47 11.38 -36.43 13.97
C GLY I 47 11.21 -34.95 13.81
N LYS I 48 11.85 -34.35 12.81
CA LYS I 48 11.88 -32.90 12.73
C LYS I 48 10.54 -32.38 12.20
N PRO I 49 10.04 -31.26 12.73
CA PRO I 49 8.77 -30.74 12.22
C PRO I 49 8.95 -30.16 10.83
N ARG I 50 7.97 -30.43 9.96
CA ARG I 50 8.08 -30.00 8.57
C ARG I 50 8.38 -28.50 8.48
N GLU I 51 7.69 -27.69 9.27
CA GLU I 51 7.90 -26.24 9.19
C GLU I 51 9.34 -25.87 9.51
N SER I 52 9.97 -26.57 10.47
CA SER I 52 11.35 -26.28 10.82
C SER I 52 12.28 -26.58 9.65
N LEU I 53 12.07 -27.71 8.98
CA LEU I 53 12.87 -28.04 7.80
C LEU I 53 12.66 -27.01 6.70
N VAL I 54 11.41 -26.65 6.45
CA VAL I 54 11.11 -25.65 5.42
C VAL I 54 11.79 -24.32 5.76
N ALA I 55 11.75 -23.93 7.03
CA ALA I 55 12.41 -22.70 7.44
C ALA I 55 13.90 -22.78 7.17
N THR I 56 14.53 -23.91 7.50
CA THR I 56 15.97 -24.06 7.30
C THR I 56 16.34 -23.91 5.84
N VAL I 57 15.53 -24.45 4.94
CA VAL I 57 15.83 -24.36 3.51
C VAL I 57 15.73 -22.91 3.05
N LEU I 58 14.64 -22.23 3.43
CA LEU I 58 14.40 -20.88 2.91
C LEU I 58 15.32 -19.85 3.54
N MET I 59 15.72 -20.05 4.79
CA MET I 59 16.49 -19.06 5.54
C MET I 59 17.92 -19.49 5.82
N GLY I 60 18.33 -20.67 5.35
CA GLY I 60 19.64 -21.16 5.71
C GLY I 60 19.72 -21.42 7.21
N ARG I 61 20.96 -21.66 7.64
CA ARG I 61 21.29 -21.71 9.07
C ARG I 61 22.40 -20.69 9.32
N PRO I 62 22.09 -19.55 9.93
CA PRO I 62 23.12 -18.51 10.12
C PRO I 62 24.39 -19.08 10.75
N GLN I 63 25.54 -18.60 10.26
CA GLN I 63 26.85 -19.01 10.75
C GLN I 63 27.16 -20.46 10.43
N THR I 64 26.58 -20.98 9.35
CA THR I 64 26.76 -22.35 8.90
C THR I 64 26.82 -22.34 7.39
N PRO I 65 27.52 -23.30 6.76
CA PRO I 65 27.55 -23.34 5.30
C PRO I 65 26.20 -23.60 4.65
N MET I 66 25.14 -23.85 5.43
CA MET I 66 23.80 -24.05 4.89
C MET I 66 23.22 -22.72 4.45
N PRO I 67 23.16 -22.43 3.14
CA PRO I 67 22.75 -21.10 2.70
C PRO I 67 21.24 -20.99 2.59
N PRO I 68 20.72 -19.77 2.45
CA PRO I 68 19.28 -19.59 2.23
C PRO I 68 18.92 -19.69 0.75
N TRP I 69 17.73 -20.27 0.50
CA TRP I 69 17.27 -20.54 -0.86
C TRP I 69 15.97 -19.84 -1.20
N ALA I 70 15.52 -18.90 -0.36
CA ALA I 70 14.19 -18.32 -0.53
C ALA I 70 14.07 -17.59 -1.87
N GLY I 71 15.11 -16.87 -2.28
CA GLY I 71 15.05 -16.20 -3.57
C GLY I 71 14.73 -17.16 -4.70
N LEU I 72 15.46 -18.28 -4.76
CA LEU I 72 15.25 -19.24 -5.83
C LEU I 72 13.98 -20.06 -5.64
N LEU I 73 13.55 -20.25 -4.40
CA LEU I 73 12.48 -21.18 -4.07
C LEU I 73 11.36 -20.46 -3.34
N SER I 74 10.13 -20.72 -3.77
CA SER I 74 8.96 -20.27 -3.03
C SER I 74 8.77 -21.14 -1.80
N ALA I 75 7.83 -20.73 -0.94
CA ALA I 75 7.50 -21.54 0.22
C ALA I 75 6.88 -22.87 -0.19
N ASP I 76 6.18 -22.90 -1.32
CA ASP I 76 5.61 -24.15 -1.82
C ASP I 76 6.70 -25.06 -2.40
N ASP I 77 7.68 -24.47 -3.09
CA ASP I 77 8.80 -25.25 -3.58
C ASP I 77 9.55 -25.91 -2.42
N ALA I 78 9.92 -25.13 -1.42
CA ALA I 78 10.60 -25.69 -0.25
C ALA I 78 9.74 -26.77 0.41
N GLY I 79 8.44 -26.50 0.56
CA GLY I 79 7.57 -27.50 1.15
C GLY I 79 7.53 -28.79 0.36
N TRP I 80 7.53 -28.68 -0.97
CA TRP I 80 7.51 -29.88 -1.80
C TRP I 80 8.82 -30.65 -1.70
N LEU I 81 9.94 -29.94 -1.80
CA LEU I 81 11.24 -30.59 -1.63
C LEU I 81 11.33 -31.28 -0.27
N VAL I 82 10.91 -30.59 0.79
CA VAL I 82 10.95 -31.18 2.13
C VAL I 82 10.10 -32.44 2.17
N ASP I 83 9.00 -32.47 1.42
CA ASP I 83 8.14 -33.64 1.43
C ASP I 83 8.79 -34.80 0.68
N ARG I 84 9.46 -34.53 -0.43
CA ARG I 84 10.16 -35.60 -1.15
C ARG I 84 11.27 -36.18 -0.27
N LEU I 85 11.93 -35.34 0.52
CA LEU I 85 12.98 -35.84 1.41
C LEU I 85 12.39 -36.70 2.52
N ILE I 86 11.22 -36.32 3.03
CA ILE I 86 10.55 -37.15 4.04
C ILE I 86 10.05 -38.45 3.42
N GLU I 87 9.46 -38.37 2.24
CA GLU I 87 8.96 -39.58 1.59
C GLU I 87 10.11 -40.49 1.17
N GLY I 88 11.22 -39.91 0.70
CA GLY I 88 12.41 -40.66 0.38
C GLY I 88 12.68 -40.85 -1.10
N GLU I 89 11.71 -40.61 -1.97
CA GLU I 89 11.90 -40.79 -3.41
C GLU I 89 12.37 -39.46 -4.00
N ILE I 90 13.65 -39.42 -4.38
CA ILE I 90 14.27 -38.19 -4.85
C ILE I 90 14.84 -38.38 -6.25
N ALA I 91 14.15 -39.18 -7.06
CA ALA I 91 14.63 -39.49 -8.40
C ALA I 91 14.84 -38.21 -9.20
N PRO I 92 15.68 -38.26 -10.26
CA PRO I 92 15.98 -37.05 -11.03
C PRO I 92 14.83 -36.62 -11.95
N PRO J 8 19.54 0.95 -44.09
CA PRO J 8 18.81 -0.30 -44.34
C PRO J 8 18.82 -0.68 -45.83
N ASP J 9 19.70 -1.59 -46.21
CA ASP J 9 19.83 -1.97 -47.61
C ASP J 9 18.67 -2.85 -48.05
N ALA J 10 18.62 -3.11 -49.36
CA ALA J 10 17.47 -3.79 -49.96
C ALA J 10 17.14 -5.09 -49.25
N ARG J 11 18.17 -5.88 -48.90
CA ARG J 11 17.92 -7.13 -48.19
C ARG J 11 17.29 -6.85 -46.83
N ARG J 12 17.82 -5.87 -46.10
CA ARG J 12 17.26 -5.55 -44.79
C ARG J 12 15.82 -5.06 -44.91
N GLN J 13 15.54 -4.22 -45.90
CA GLN J 13 14.18 -3.72 -46.09
C GLN J 13 13.20 -4.88 -46.26
N ALA J 14 13.59 -5.91 -47.01
CA ALA J 14 12.73 -7.08 -47.17
C ALA J 14 12.50 -7.78 -45.83
N GLN J 15 13.55 -7.87 -45.01
CA GLN J 15 13.39 -8.42 -43.67
C GLN J 15 12.38 -7.61 -42.87
N LEU J 16 12.62 -6.30 -42.75
CA LEU J 16 11.74 -5.46 -41.95
C LEU J 16 10.30 -5.55 -42.43
N ARG J 17 10.09 -5.61 -43.75
CA ARG J 17 8.75 -5.69 -44.31
C ARG J 17 7.98 -6.83 -43.67
N HIS J 18 8.64 -7.97 -43.46
CA HIS J 18 7.94 -9.14 -42.93
C HIS J 18 7.61 -8.98 -41.45
N LEU J 19 8.56 -8.47 -40.67
CA LEU J 19 8.28 -8.22 -39.26
C LEU J 19 7.16 -7.20 -39.10
N LEU J 20 7.10 -6.22 -40.01
CA LEU J 20 6.06 -5.20 -39.92
C LEU J 20 4.68 -5.81 -40.14
N LEU J 21 4.54 -6.64 -41.17
CA LEU J 21 3.22 -7.17 -41.50
C LEU J 21 2.79 -8.29 -40.58
N GLN J 22 3.72 -9.20 -40.23
CA GLN J 22 3.34 -10.37 -39.46
C GLN J 22 3.27 -10.07 -37.97
N ASP J 23 4.29 -9.40 -37.43
CA ASP J 23 4.39 -9.18 -35.99
C ASP J 23 3.83 -7.83 -35.56
N CYS J 24 4.27 -6.73 -36.19
CA CYS J 24 3.71 -5.44 -35.85
C CYS J 24 2.22 -5.40 -36.20
N GLY J 25 1.84 -6.01 -37.32
CA GLY J 25 0.43 -6.10 -37.67
C GLY J 25 -0.38 -6.94 -36.73
N SER J 26 0.28 -7.77 -35.92
CA SER J 26 -0.44 -8.60 -34.96
C SER J 26 -1.27 -7.75 -34.02
N CYS J 27 -0.73 -6.62 -33.56
CA CYS J 27 -1.43 -5.71 -32.68
C CYS J 27 -1.93 -4.45 -33.37
N HIS J 28 -1.26 -4.01 -34.43
CA HIS J 28 -1.53 -2.73 -35.05
C HIS J 28 -2.26 -2.90 -36.37
N GLY J 29 -3.06 -1.88 -36.72
CA GLY J 29 -3.79 -1.86 -37.96
C GLY J 29 -3.07 -1.05 -39.02
N LEU J 30 -2.82 -1.68 -40.15
CA LEU J 30 -2.16 -1.05 -41.30
C LEU J 30 -3.17 -0.89 -42.42
N ARG J 31 -2.74 -0.21 -43.49
CA ARG J 31 -3.59 0.06 -44.64
C ARG J 31 -3.29 -0.95 -45.75
N LEU J 32 -4.32 -1.66 -46.20
CA LEU J 32 -4.17 -2.70 -47.23
C LEU J 32 -4.11 -2.01 -48.59
N THR J 33 -2.90 -1.61 -48.98
CA THR J 33 -2.67 -0.91 -50.23
C THR J 33 -1.32 -1.30 -50.79
N GLY J 34 -1.23 -1.42 -52.11
CA GLY J 34 -0.01 -1.81 -52.76
C GLY J 34 0.19 -3.30 -52.88
N GLY J 35 -0.90 -4.08 -52.88
CA GLY J 35 -0.83 -5.52 -52.99
C GLY J 35 -1.11 -6.25 -51.70
N LEU J 36 -1.20 -5.55 -50.58
CA LEU J 36 -1.49 -6.22 -49.31
C LEU J 36 -2.94 -6.67 -49.27
N GLY J 37 -3.16 -7.86 -48.70
CA GLY J 37 -4.47 -8.45 -48.67
C GLY J 37 -4.97 -8.72 -47.25
N PRO J 38 -6.16 -9.32 -47.15
CA PRO J 38 -6.74 -9.56 -45.83
C PRO J 38 -5.94 -10.55 -45.01
N ALA J 39 -6.29 -10.62 -43.73
CA ALA J 39 -5.65 -11.55 -42.82
C ALA J 39 -6.09 -12.98 -43.11
N LEU J 40 -5.14 -13.90 -43.06
CA LEU J 40 -5.43 -15.34 -43.21
C LEU J 40 -5.35 -16.03 -41.86
N THR J 41 -6.15 -15.53 -40.93
CA THR J 41 -6.22 -16.01 -39.56
C THR J 41 -7.62 -16.55 -39.29
N PRO J 42 -7.79 -17.40 -38.27
CA PRO J 42 -9.11 -18.02 -38.05
C PRO J 42 -10.24 -17.02 -37.89
N GLU J 43 -10.02 -15.95 -37.13
CA GLU J 43 -11.09 -14.96 -36.93
C GLU J 43 -11.49 -14.31 -38.26
N ALA J 44 -10.51 -13.89 -39.05
CA ALA J 44 -10.81 -13.23 -40.31
C ALA J 44 -11.48 -14.17 -41.31
N LEU J 45 -11.23 -15.47 -41.18
CA LEU J 45 -11.76 -16.46 -42.11
C LEU J 45 -12.97 -17.20 -41.54
N ARG J 46 -13.47 -16.78 -40.38
CA ARG J 46 -14.63 -17.45 -39.78
C ARG J 46 -15.87 -17.19 -40.63
N GLY J 47 -16.57 -18.26 -41.00
CA GLY J 47 -17.79 -18.14 -41.76
C GLY J 47 -17.61 -18.05 -43.27
N LYS J 48 -16.37 -18.02 -43.75
CA LYS J 48 -16.14 -17.92 -45.19
C LYS J 48 -16.09 -19.32 -45.82
N PRO J 49 -16.83 -19.57 -46.90
CA PRO J 49 -16.95 -20.94 -47.40
C PRO J 49 -15.61 -21.50 -47.85
N ARG J 50 -15.36 -22.75 -47.46
CA ARG J 50 -14.08 -23.40 -47.74
C ARG J 50 -13.79 -23.43 -49.24
N GLU J 51 -14.77 -23.85 -50.06
CA GLU J 51 -14.51 -23.97 -51.48
C GLU J 51 -14.21 -22.61 -52.11
N SER J 52 -14.87 -21.56 -51.64
CA SER J 52 -14.58 -20.22 -52.15
C SER J 52 -13.11 -19.86 -51.94
N LEU J 53 -12.61 -20.10 -50.72
CA LEU J 53 -11.22 -19.79 -50.41
C LEU J 53 -10.28 -20.58 -51.29
N VAL J 54 -10.53 -21.88 -51.44
CA VAL J 54 -9.66 -22.71 -52.27
C VAL J 54 -9.68 -22.23 -53.72
N ALA J 55 -10.86 -21.86 -54.23
CA ALA J 55 -10.94 -21.29 -55.57
C ALA J 55 -10.08 -20.05 -55.68
N THR J 56 -10.22 -19.13 -54.71
CA THR J 56 -9.42 -17.91 -54.74
C THR J 56 -7.93 -18.21 -54.75
N VAL J 57 -7.51 -19.26 -54.05
CA VAL J 57 -6.10 -19.62 -54.03
C VAL J 57 -5.69 -20.20 -55.40
N LEU J 58 -6.50 -21.10 -55.94
CA LEU J 58 -6.18 -21.70 -57.24
C LEU J 58 -6.39 -20.69 -58.37
N MET J 59 -7.43 -19.86 -58.26
CA MET J 59 -7.74 -18.83 -59.25
C MET J 59 -7.81 -17.50 -58.51
N GLY J 60 -6.78 -16.67 -58.64
CA GLY J 60 -6.77 -15.41 -57.92
C GLY J 60 -7.90 -14.50 -58.38
N ARG J 61 -8.54 -13.83 -57.42
CA ARG J 61 -9.57 -12.84 -57.72
C ARG J 61 -9.05 -11.91 -58.80
N PRO J 62 -9.62 -11.93 -60.00
CA PRO J 62 -9.01 -11.23 -61.14
C PRO J 62 -9.13 -9.72 -61.02
N GLN J 63 -8.27 -9.04 -61.77
CA GLN J 63 -8.16 -7.59 -61.73
C GLN J 63 -7.84 -7.10 -60.33
N THR J 64 -7.07 -7.90 -59.59
CA THR J 64 -6.56 -7.53 -58.27
C THR J 64 -5.18 -8.14 -58.13
N PRO J 65 -4.48 -7.83 -57.03
CA PRO J 65 -3.11 -8.36 -56.86
C PRO J 65 -3.03 -9.77 -56.31
N MET J 66 -4.14 -10.46 -56.11
CA MET J 66 -4.13 -11.85 -55.64
C MET J 66 -3.98 -12.75 -56.85
N PRO J 67 -2.84 -13.44 -57.02
CA PRO J 67 -2.62 -14.20 -58.25
C PRO J 67 -3.19 -15.61 -58.14
N PRO J 68 -3.13 -16.38 -59.23
CA PRO J 68 -3.50 -17.80 -59.17
C PRO J 68 -2.31 -18.68 -58.86
N TRP J 69 -2.55 -19.70 -58.02
CA TRP J 69 -1.50 -20.63 -57.62
C TRP J 69 -1.78 -22.05 -58.10
N ALA J 70 -2.74 -22.24 -59.01
CA ALA J 70 -3.11 -23.58 -59.44
C ALA J 70 -1.91 -24.33 -60.02
N GLY J 71 -1.13 -23.67 -60.87
CA GLY J 71 0.00 -24.35 -61.49
C GLY J 71 0.94 -24.95 -60.47
N LEU J 72 1.29 -24.18 -59.44
CA LEU J 72 2.24 -24.64 -58.44
C LEU J 72 1.58 -25.48 -57.36
N LEU J 73 0.31 -25.23 -57.05
CA LEU J 73 -0.39 -25.90 -55.96
C LEU J 73 -1.44 -26.85 -56.51
N SER J 74 -1.48 -28.06 -55.96
CA SER J 74 -2.57 -28.98 -56.24
C SER J 74 -3.86 -28.44 -55.64
N ALA J 75 -4.96 -29.12 -55.95
CA ALA J 75 -6.22 -28.83 -55.26
C ALA J 75 -6.14 -29.27 -53.80
N ASP J 76 -5.48 -30.40 -53.54
CA ASP J 76 -5.29 -30.86 -52.17
C ASP J 76 -4.30 -29.96 -51.43
N ASP J 77 -3.27 -29.47 -52.12
CA ASP J 77 -2.36 -28.52 -51.50
C ASP J 77 -3.12 -27.28 -51.02
N ALA J 78 -3.91 -26.68 -51.91
CA ALA J 78 -4.66 -25.48 -51.53
C ALA J 78 -5.65 -25.79 -50.43
N GLY J 79 -6.33 -26.93 -50.50
CA GLY J 79 -7.29 -27.29 -49.47
C GLY J 79 -6.64 -27.52 -48.12
N TRP J 80 -5.43 -28.08 -48.12
CA TRP J 80 -4.71 -28.28 -46.87
C TRP J 80 -4.39 -26.93 -46.23
N LEU J 81 -3.76 -26.03 -46.98
CA LEU J 81 -3.44 -24.71 -46.46
C LEU J 81 -4.68 -24.01 -45.91
N VAL J 82 -5.75 -23.99 -46.71
CA VAL J 82 -6.95 -23.27 -46.30
C VAL J 82 -7.52 -23.89 -45.02
N ASP J 83 -7.58 -25.22 -44.94
CA ASP J 83 -8.04 -25.86 -43.73
C ASP J 83 -7.19 -25.44 -42.53
N ARG J 84 -5.87 -25.48 -42.68
CA ARG J 84 -5.00 -25.15 -41.56
C ARG J 84 -5.14 -23.68 -41.16
N LEU J 85 -5.25 -22.78 -42.14
CA LEU J 85 -5.45 -21.37 -41.83
C LEU J 85 -6.77 -21.15 -41.10
N ILE J 86 -7.81 -21.87 -41.51
CA ILE J 86 -9.14 -21.67 -40.93
C ILE J 86 -9.14 -22.02 -39.45
N GLU J 87 -8.47 -23.11 -39.08
CA GLU J 87 -8.44 -23.57 -37.70
C GLU J 87 -7.16 -23.14 -36.97
N GLY J 88 -6.37 -22.26 -37.58
CA GLY J 88 -5.17 -21.74 -36.94
C GLY J 88 -4.19 -22.82 -36.52
N GLU J 89 -3.87 -23.74 -37.43
CA GLU J 89 -3.00 -24.86 -37.15
C GLU J 89 -1.95 -25.01 -38.25
N ILE J 90 -1.46 -23.89 -38.77
CA ILE J 90 -0.39 -23.94 -39.76
C ILE J 90 0.76 -24.80 -39.25
N ALA J 91 1.12 -24.63 -37.97
CA ALA J 91 2.14 -25.44 -37.34
C ALA J 91 1.58 -26.83 -37.02
N PRO J 92 2.44 -27.86 -36.98
CA PRO J 92 1.96 -29.23 -36.81
C PRO J 92 1.38 -29.52 -35.43
N PRO K 8 -9.81 25.02 23.23
CA PRO K 8 -9.72 23.56 23.15
C PRO K 8 -8.30 23.02 23.02
N ASP K 9 -8.17 21.72 23.30
CA ASP K 9 -6.89 21.03 23.25
C ASP K 9 -6.30 21.07 21.85
N ALA K 10 -4.97 21.07 21.78
CA ALA K 10 -4.30 20.99 20.48
C ALA K 10 -4.78 19.78 19.69
N ARG K 11 -5.00 18.66 20.38
CA ARG K 11 -5.54 17.47 19.74
C ARG K 11 -6.97 17.73 19.26
N ARG K 12 -7.80 18.32 20.12
CA ARG K 12 -9.19 18.58 19.75
C ARG K 12 -9.29 19.55 18.59
N GLN K 13 -8.34 20.49 18.48
CA GLN K 13 -8.36 21.41 17.34
C GLN K 13 -8.18 20.65 16.03
N ALA K 14 -7.44 19.54 16.06
CA ALA K 14 -7.34 18.70 14.87
C ALA K 14 -8.69 18.12 14.49
N GLN K 15 -9.42 17.59 15.49
CA GLN K 15 -10.75 17.06 15.23
C GLN K 15 -11.68 18.13 14.71
N LEU K 16 -11.79 19.25 15.43
CA LEU K 16 -12.69 20.32 15.01
C LEU K 16 -12.37 20.82 13.61
N ARG K 17 -11.08 20.83 13.25
CA ARG K 17 -10.69 21.31 11.93
C ARG K 17 -11.28 20.43 10.83
N HIS K 18 -11.31 19.10 11.06
CA HIS K 18 -11.94 18.22 10.08
C HIS K 18 -13.44 18.51 9.96
N LEU K 19 -14.13 18.64 11.10
CA LEU K 19 -15.55 18.95 11.05
C LEU K 19 -15.79 20.32 10.45
N LEU K 20 -14.86 21.26 10.65
CA LEU K 20 -15.03 22.61 10.12
C LEU K 20 -15.03 22.60 8.60
N LEU K 21 -14.02 21.99 7.98
CA LEU K 21 -13.89 22.04 6.53
C LEU K 21 -14.84 21.09 5.83
N GLN K 22 -15.18 19.96 6.44
CA GLN K 22 -15.96 18.92 5.78
C GLN K 22 -17.46 19.09 6.00
N ASP K 23 -17.87 19.46 7.21
CA ASP K 23 -19.30 19.63 7.52
C ASP K 23 -19.72 21.09 7.50
N CYS K 24 -19.04 21.95 8.26
CA CYS K 24 -19.41 23.37 8.26
C CYS K 24 -19.10 24.01 6.92
N GLY K 25 -18.00 23.60 6.27
CA GLY K 25 -17.63 24.19 5.00
C GLY K 25 -18.52 23.80 3.85
N SER K 26 -19.24 22.67 3.96
CA SER K 26 -20.09 22.22 2.87
C SER K 26 -21.19 23.22 2.58
N CYS K 27 -21.86 23.71 3.63
CA CYS K 27 -22.91 24.70 3.48
C CYS K 27 -22.39 26.13 3.59
N HIS K 28 -21.50 26.38 4.55
CA HIS K 28 -20.96 27.71 4.76
C HIS K 28 -19.70 27.91 3.90
N GLY K 29 -19.12 29.10 4.00
CA GLY K 29 -17.93 29.42 3.25
C GLY K 29 -16.84 29.94 4.18
N LEU K 30 -15.60 29.74 3.77
CA LEU K 30 -14.44 30.09 4.58
C LEU K 30 -13.31 30.58 3.68
N ARG K 31 -12.42 31.38 4.28
CA ARG K 31 -11.30 31.97 3.55
C ARG K 31 -10.13 30.99 3.53
N LEU K 32 -9.52 30.84 2.35
CA LEU K 32 -8.49 29.83 2.12
C LEU K 32 -7.12 30.39 2.45
N THR K 33 -6.83 30.47 3.75
CA THR K 33 -5.55 30.94 4.23
C THR K 33 -5.04 30.03 5.34
N GLY K 34 -3.74 30.13 5.62
CA GLY K 34 -3.16 29.37 6.71
C GLY K 34 -3.01 27.90 6.45
N GLY K 35 -2.92 27.49 5.17
CA GLY K 35 -2.82 26.10 4.81
C GLY K 35 -4.09 25.52 4.22
N LEU K 36 -5.19 26.26 4.25
CA LEU K 36 -6.44 25.78 3.68
C LEU K 36 -6.37 25.88 2.16
N GLY K 37 -6.69 24.79 1.48
CA GLY K 37 -6.62 24.74 0.05
C GLY K 37 -7.99 24.78 -0.60
N PRO K 38 -8.03 24.85 -1.92
CA PRO K 38 -9.32 24.86 -2.63
C PRO K 38 -10.08 23.56 -2.39
N ALA K 39 -11.40 23.64 -2.58
CA ALA K 39 -12.25 22.47 -2.45
C ALA K 39 -11.95 21.48 -3.57
N LEU K 40 -11.77 20.21 -3.19
CA LEU K 40 -11.51 19.15 -4.17
C LEU K 40 -12.80 18.37 -4.44
N THR K 41 -13.79 19.10 -4.95
CA THR K 41 -15.08 18.58 -5.34
C THR K 41 -15.23 18.60 -6.85
N PRO K 42 -16.23 17.89 -7.39
CA PRO K 42 -16.39 17.88 -8.86
C PRO K 42 -16.65 19.25 -9.43
N GLU K 43 -17.44 20.07 -8.72
CA GLU K 43 -17.78 21.39 -9.23
C GLU K 43 -16.56 22.32 -9.20
N ALA K 44 -15.81 22.29 -8.10
CA ALA K 44 -14.64 23.16 -8.01
C ALA K 44 -13.53 22.74 -8.97
N LEU K 45 -13.40 21.44 -9.23
CA LEU K 45 -12.37 20.91 -10.11
C LEU K 45 -12.83 20.80 -11.56
N ARG K 46 -13.96 21.42 -11.90
CA ARG K 46 -14.58 21.18 -13.20
C ARG K 46 -13.70 21.67 -14.36
N GLY K 47 -12.95 22.74 -14.16
CA GLY K 47 -12.21 23.32 -15.27
C GLY K 47 -10.77 22.85 -15.41
N LYS K 48 -10.18 22.36 -14.32
CA LYS K 48 -8.73 22.20 -14.27
C LYS K 48 -8.31 20.89 -14.93
N PRO K 49 -7.20 20.86 -15.65
CA PRO K 49 -6.79 19.63 -16.34
C PRO K 49 -6.31 18.55 -15.38
N ARG K 50 -6.66 17.32 -15.70
CA ARG K 50 -6.38 16.18 -14.81
C ARG K 50 -4.90 16.07 -14.49
N GLU K 51 -4.05 16.12 -15.52
CA GLU K 51 -2.62 15.91 -15.29
C GLU K 51 -2.02 17.01 -14.44
N SER K 52 -2.50 18.25 -14.59
CA SER K 52 -2.01 19.33 -13.74
C SER K 52 -2.36 19.10 -12.29
N LEU K 53 -3.55 18.57 -12.02
CA LEU K 53 -3.91 18.19 -10.66
C LEU K 53 -2.97 17.11 -10.13
N VAL K 54 -2.78 16.05 -10.91
CA VAL K 54 -1.89 14.97 -10.49
C VAL K 54 -0.50 15.51 -10.17
N ALA K 55 -0.02 16.46 -10.98
CA ALA K 55 1.30 17.04 -10.74
C ALA K 55 1.34 17.72 -9.38
N THR K 56 0.31 18.50 -9.05
CA THR K 56 0.26 19.16 -7.76
C THR K 56 0.30 18.16 -6.61
N VAL K 57 -0.42 17.04 -6.74
CA VAL K 57 -0.43 16.05 -5.68
C VAL K 57 0.96 15.47 -5.46
N LEU K 58 1.63 15.10 -6.55
CA LEU K 58 2.89 14.39 -6.43
C LEU K 58 4.01 15.32 -5.97
N MET K 59 4.05 16.54 -6.52
CA MET K 59 5.10 17.49 -6.22
C MET K 59 4.67 18.61 -5.30
N GLY K 60 3.38 18.84 -5.15
CA GLY K 60 2.91 19.98 -4.40
C GLY K 60 3.07 21.25 -5.19
N ARG K 61 2.88 22.37 -4.51
CA ARG K 61 3.21 23.68 -5.05
C ARG K 61 4.29 24.29 -4.19
N PRO K 62 5.46 24.64 -4.74
CA PRO K 62 6.53 25.19 -3.91
C PRO K 62 6.17 26.55 -3.36
N GLN K 63 6.72 26.86 -2.19
CA GLN K 63 6.47 28.11 -1.48
C GLN K 63 5.03 28.22 -0.99
N THR K 64 4.33 27.09 -0.88
CA THR K 64 2.98 27.08 -0.35
C THR K 64 2.80 25.88 0.57
N PRO K 65 1.73 25.84 1.36
CA PRO K 65 1.56 24.74 2.32
C PRO K 65 1.25 23.40 1.68
N MET K 66 1.04 23.33 0.37
CA MET K 66 0.71 22.07 -0.29
C MET K 66 1.98 21.23 -0.44
N PRO K 67 2.07 20.09 0.24
CA PRO K 67 3.31 19.30 0.20
C PRO K 67 3.30 18.28 -0.92
N PRO K 68 4.45 17.69 -1.24
CA PRO K 68 4.49 16.59 -2.21
C PRO K 68 4.20 15.25 -1.56
N TRP K 69 3.46 14.41 -2.30
CA TRP K 69 3.07 13.09 -1.82
C TRP K 69 3.71 11.97 -2.64
N ALA K 70 4.74 12.28 -3.43
CA ALA K 70 5.25 11.32 -4.39
C ALA K 70 5.72 10.03 -3.72
N GLY K 71 6.57 10.13 -2.71
CA GLY K 71 7.07 8.93 -2.06
C GLY K 71 5.95 8.01 -1.62
N LEU K 72 4.90 8.56 -1.02
CA LEU K 72 3.82 7.76 -0.46
C LEU K 72 2.85 7.28 -1.53
N LEU K 73 2.65 8.06 -2.59
CA LEU K 73 1.69 7.76 -3.64
C LEU K 73 2.40 7.52 -4.95
N SER K 74 2.04 6.44 -5.63
CA SER K 74 2.49 6.26 -7.01
C SER K 74 1.75 7.24 -7.90
N ALA K 75 2.11 7.25 -9.18
CA ALA K 75 1.37 8.06 -10.14
C ALA K 75 -0.05 7.53 -10.31
N ASP K 76 -0.20 6.21 -10.29
CA ASP K 76 -1.55 5.63 -10.31
C ASP K 76 -2.33 6.03 -9.08
N ASP K 77 -1.71 5.95 -7.91
CA ASP K 77 -2.36 6.38 -6.67
C ASP K 77 -2.92 7.79 -6.83
N ALA K 78 -2.06 8.75 -7.17
CA ALA K 78 -2.51 10.12 -7.33
C ALA K 78 -3.55 10.24 -8.43
N GLY K 79 -3.35 9.54 -9.54
CA GLY K 79 -4.32 9.59 -10.63
C GLY K 79 -5.67 9.03 -10.22
N TRP K 80 -5.68 7.92 -9.48
CA TRP K 80 -6.93 7.35 -9.01
C TRP K 80 -7.67 8.33 -8.10
N LEU K 81 -6.95 8.91 -7.13
CA LEU K 81 -7.58 9.86 -6.23
C LEU K 81 -8.16 11.04 -6.99
N VAL K 82 -7.36 11.65 -7.88
CA VAL K 82 -7.86 12.77 -8.68
C VAL K 82 -9.08 12.33 -9.47
N ASP K 83 -9.07 11.11 -10.00
CA ASP K 83 -10.22 10.61 -10.75
C ASP K 83 -11.47 10.57 -9.88
N ARG K 84 -11.34 10.05 -8.66
CA ARG K 84 -12.50 9.99 -7.77
C ARG K 84 -12.97 11.38 -7.40
N LEU K 85 -12.03 12.27 -7.03
CA LEU K 85 -12.42 13.63 -6.67
C LEU K 85 -13.14 14.32 -7.83
N ILE K 86 -12.66 14.13 -9.05
CA ILE K 86 -13.29 14.76 -10.21
C ILE K 86 -14.68 14.19 -10.44
N GLU K 87 -14.84 12.88 -10.31
CA GLU K 87 -16.11 12.21 -10.55
C GLU K 87 -16.98 12.12 -9.30
N GLY K 88 -16.50 12.61 -8.16
CA GLY K 88 -17.28 12.57 -6.93
C GLY K 88 -17.56 11.16 -6.43
N GLU K 89 -16.59 10.26 -6.57
CA GLU K 89 -16.72 8.89 -6.10
C GLU K 89 -15.66 8.58 -5.05
N ILE K 90 -15.42 9.54 -4.15
CA ILE K 90 -14.54 9.29 -3.02
C ILE K 90 -15.09 8.18 -2.14
N ALA K 91 -16.42 8.07 -2.06
CA ALA K 91 -17.03 7.06 -1.20
C ALA K 91 -16.71 5.66 -1.71
N PRO K 92 -16.75 4.66 -0.82
CA PRO K 92 -16.44 3.27 -1.21
C PRO K 92 -17.56 2.63 -2.00
#